data_9J83
#
_entry.id   9J83
#
_cell.length_a   1.00
_cell.length_b   1.00
_cell.length_c   1.00
_cell.angle_alpha   90.00
_cell.angle_beta   90.00
_cell.angle_gamma   90.00
#
_symmetry.space_group_name_H-M   'P 1'
#
loop_
_entity.id
_entity.type
_entity.pdbx_description
1 polymer 'Putative zinc metalloprotease aq_1964'
2 polymer 'VH-CH1 region of mouse monoclonal antibody IgG 4A9'
3 polymer 'L chain of mouse monoclonal antibody IgG 4A9'
4 polymer 'unknown peptide'
5 non-polymer 'ZINC ION'
#
loop_
_entity_poly.entity_id
_entity_poly.type
_entity_poly.pdbx_seq_one_letter_code
_entity_poly.pdbx_strand_id
1 'polypeptide(L)'
;(FME)GLIAFLILIGVLVWVHQFGHFLMAKLFRVKVEIFSIGFGPPIFRRQWGETVYQIAALPLGGYVKLYGEEENVHDP
RAFSTKKPWQKILIALGGPLFNFLFTILVFALVYTAGVEVPKYLKEPVVVGYVQRDSIAQKIGIKPGDKIIKI(SNN)GY
EVRTWEDLRDALIRLSLDGVKETTLFLERNGEVLHLTIKVPNVQKGEELGIAPLVKPVVGGVKKGSPADQVGIKPGDLIL
EVNGKKINTWYELVEEVRKSQGKAIKLKILRNGKMIEKELIPAKDPKTGTYFIGLFPKTETVVEKKPFGEALASAVNRTW
ELTVLTLKTIAGLITGKVSFQTLGGPIAIAQIAGQAAQSGFIPYLVMMAFISLQLGIFNLIPLPILDGGLILLFAIEWLR
GRPLPEKFKEYWQRVGLAIIITLTIFVFINDILRLLRGRGSHHHHHHHH
;
A
2 'polypeptide(L)'
;GSEVKLVESGGGLVQPGGSLRLSCVTSGFTFTDYYMSWVRQPPGKALEWLAFIRNKVNGYTTEYRASVKGRFTISRDSSQ
SILYLQVNTLRAEDSATYYCARDRGGNGVYFDYWGQGTTLTVSSAKTTPPSVYPLAPGSAAQTNSMVTLGCLVKGYFPEP
VTVTWNSGSLSSGVHTFPAVLQSDLYTLSSSVTVPSSTWPSETVTCNVAHPASSTKVDKKIVPRDCGGVAMPGAEDDVV
;
H
3 'polypeptide(L)'
;DIVMTQSHKFMSTSVGDRVSITCKASQDVGTDVAWYQQKPGQSPKLLIYWASIRHTGVPDRFTGSGSGTDFTLTISNVQS
EDLADYFCQQYSSYPLTFGAGTKLELERADAAPTVSIFPPSSEQLTSGGASVVCFLNNFYPKDINVKWKIDGSERQNGVL
NSWTDQDSKDSTYSMSSTLTLTKDEYERHNSYTCEATHKTSTSPIVKSFNRNEC
;
L
4 'polypeptide(L)' (UNK)(UNK)(UNK)(UNK)(UNK)(UNK)(UNK)(UNK)(UNK)(UNK)(UNK)(UNK)(UNK)(UNK)(UNK) C
#
# COMPACT_ATOMS: atom_id res chain seq x y z
N GLY A 2 -2.65 -35.09 -3.68
CA GLY A 2 -3.02 -33.96 -2.85
C GLY A 2 -4.41 -34.05 -2.23
N LEU A 3 -5.41 -34.31 -3.08
CA LEU A 3 -6.78 -34.39 -2.59
C LEU A 3 -6.97 -35.56 -1.64
N ILE A 4 -6.40 -36.72 -1.96
CA ILE A 4 -6.52 -37.87 -1.07
C ILE A 4 -5.76 -37.62 0.22
N ALA A 5 -4.61 -36.93 0.16
CA ALA A 5 -3.89 -36.59 1.37
C ALA A 5 -4.71 -35.66 2.25
N PHE A 6 -5.35 -34.67 1.67
CA PHE A 6 -6.24 -33.79 2.43
C PHE A 6 -7.39 -34.59 3.05
N LEU A 7 -7.97 -35.50 2.28
CA LEU A 7 -9.09 -36.29 2.79
C LEU A 7 -8.66 -37.13 3.98
N ILE A 8 -7.51 -37.82 3.87
CA ILE A 8 -7.07 -38.67 4.96
C ILE A 8 -6.66 -37.85 6.17
N LEU A 9 -6.07 -36.66 5.94
CA LEU A 9 -5.72 -35.79 7.06
C LEU A 9 -6.97 -35.36 7.82
N ILE A 10 -7.98 -34.86 7.11
CA ILE A 10 -9.20 -34.42 7.77
C ILE A 10 -9.88 -35.61 8.44
N GLY A 11 -9.80 -36.79 7.81
CA GLY A 11 -10.42 -37.96 8.40
C GLY A 11 -9.77 -38.37 9.71
N VAL A 12 -8.44 -38.41 9.74
CA VAL A 12 -7.75 -38.82 10.96
C VAL A 12 -7.93 -37.77 12.04
N LEU A 13 -7.96 -36.48 11.68
CA LEU A 13 -8.18 -35.45 12.70
C LEU A 13 -9.57 -35.56 13.32
N VAL A 14 -10.60 -35.63 12.48
CA VAL A 14 -11.95 -35.74 13.03
C VAL A 14 -12.12 -37.05 13.77
N TRP A 15 -11.47 -38.13 13.30
CA TRP A 15 -11.54 -39.39 14.00
C TRP A 15 -10.91 -39.28 15.38
N VAL A 16 -9.77 -38.59 15.48
CA VAL A 16 -9.13 -38.42 16.78
C VAL A 16 -10.03 -37.64 17.72
N HIS A 17 -10.61 -36.55 17.23
CA HIS A 17 -11.47 -35.72 18.09
C HIS A 17 -12.69 -36.51 18.56
N GLN A 18 -13.40 -37.14 17.62
CA GLN A 18 -14.60 -37.89 17.98
C GLN A 18 -14.26 -39.12 18.81
N PHE A 19 -13.08 -39.70 18.61
CA PHE A 19 -12.66 -40.83 19.41
C PHE A 19 -12.36 -40.41 20.84
N GLY A 20 -11.76 -39.23 21.02
CA GLY A 20 -11.59 -38.71 22.37
C GLY A 20 -12.93 -38.48 23.05
N HIS A 21 -13.86 -37.85 22.33
CA HIS A 21 -15.21 -37.69 22.86
C HIS A 21 -15.80 -39.05 23.26
N PHE A 22 -15.68 -40.03 22.37
CA PHE A 22 -16.32 -41.33 22.57
C PHE A 22 -15.70 -42.08 23.75
N LEU A 23 -14.36 -42.03 23.88
CA LEU A 23 -13.72 -42.73 24.98
C LEU A 23 -14.04 -42.06 26.31
N MET A 24 -14.01 -40.72 26.35
CA MET A 24 -14.40 -40.04 27.58
C MET A 24 -15.84 -40.36 27.95
N ALA A 25 -16.72 -40.44 26.95
CA ALA A 25 -18.12 -40.77 27.20
C ALA A 25 -18.26 -42.19 27.73
N LYS A 26 -17.54 -43.15 27.12
CA LYS A 26 -17.63 -44.52 27.56
C LYS A 26 -17.04 -44.71 28.95
N LEU A 27 -16.11 -43.84 29.35
CA LEU A 27 -15.60 -43.87 30.71
C LEU A 27 -16.58 -43.28 31.72
N PHE A 28 -17.82 -43.02 31.32
CA PHE A 28 -18.82 -42.49 32.24
C PHE A 28 -20.18 -43.15 32.07
N ARG A 29 -20.23 -44.36 31.49
CA ARG A 29 -21.46 -45.16 31.40
C ARG A 29 -22.55 -44.41 30.63
N VAL A 30 -22.28 -44.18 29.34
CA VAL A 30 -23.25 -43.61 28.43
C VAL A 30 -23.29 -44.47 27.17
N LYS A 31 -24.39 -44.36 26.44
CA LYS A 31 -24.60 -45.12 25.21
C LYS A 31 -24.47 -44.19 24.02
N VAL A 32 -23.54 -44.51 23.12
CA VAL A 32 -23.33 -43.75 21.90
C VAL A 32 -23.97 -44.49 20.74
N GLU A 33 -24.65 -43.76 19.87
CA GLU A 33 -25.34 -44.36 18.73
C GLU A 33 -24.77 -43.92 17.39
N ILE A 34 -24.61 -42.61 17.19
CA ILE A 34 -24.16 -42.07 15.91
C ILE A 34 -22.69 -41.66 16.06
N PHE A 35 -21.84 -42.22 15.21
CA PHE A 35 -20.43 -41.86 15.13
C PHE A 35 -20.15 -41.25 13.76
N SER A 36 -21.04 -40.35 13.34
CA SER A 36 -20.97 -39.80 11.99
C SER A 36 -19.68 -39.02 11.78
N ILE A 37 -19.01 -39.29 10.67
CA ILE A 37 -17.79 -38.61 10.28
C ILE A 37 -18.12 -37.72 9.09
N GLY A 38 -18.04 -36.41 9.29
CA GLY A 38 -18.40 -35.48 8.25
C GLY A 38 -19.88 -35.16 8.23
N PHE A 39 -20.47 -35.03 7.05
CA PHE A 39 -21.88 -34.72 6.91
C PHE A 39 -22.40 -35.37 5.62
N GLY A 40 -23.62 -35.03 5.25
CA GLY A 40 -24.24 -35.57 4.07
C GLY A 40 -24.78 -36.97 4.32
N PRO A 41 -25.18 -37.65 3.25
CA PRO A 41 -25.66 -39.04 3.39
C PRO A 41 -24.53 -39.96 3.82
N PRO A 42 -24.75 -40.79 4.83
CA PRO A 42 -23.69 -41.71 5.28
C PRO A 42 -23.34 -42.72 4.20
N ILE A 43 -22.07 -42.72 3.80
CA ILE A 43 -21.66 -43.61 2.72
C ILE A 43 -21.73 -45.07 3.18
N PHE A 44 -21.25 -45.37 4.38
CA PHE A 44 -21.35 -46.75 4.84
C PHE A 44 -21.25 -46.82 6.36
N ARG A 45 -22.00 -47.75 6.94
CA ARG A 45 -22.11 -47.89 8.39
C ARG A 45 -21.94 -49.34 8.79
N ARG A 46 -21.29 -49.56 9.93
CA ARG A 46 -21.11 -50.89 10.51
C ARG A 46 -21.54 -50.85 11.98
N GLN A 47 -22.31 -51.84 12.38
CA GLN A 47 -22.92 -51.88 13.71
C GLN A 47 -22.14 -52.82 14.62
N TRP A 48 -21.86 -52.37 15.85
CA TRP A 48 -21.19 -53.18 16.85
C TRP A 48 -21.78 -52.80 18.21
N GLY A 49 -22.77 -53.56 18.66
CA GLY A 49 -23.39 -53.26 19.94
C GLY A 49 -24.10 -51.91 19.90
N GLU A 50 -24.04 -51.19 21.02
CA GLU A 50 -24.60 -49.84 21.06
C GLU A 50 -23.86 -48.92 20.10
N THR A 51 -22.53 -49.03 20.05
CA THR A 51 -21.70 -48.15 19.23
C THR A 51 -21.86 -48.54 17.77
N VAL A 52 -22.67 -47.78 17.03
CA VAL A 52 -22.82 -47.95 15.59
C VAL A 52 -21.86 -46.95 14.96
N TYR A 53 -20.84 -47.46 14.28
CA TYR A 53 -19.93 -46.57 13.56
C TYR A 53 -20.45 -46.32 12.16
N GLN A 54 -20.34 -45.08 11.70
CA GLN A 54 -20.60 -44.81 10.29
C GLN A 54 -19.57 -43.83 9.77
N ILE A 55 -19.41 -43.84 8.45
CA ILE A 55 -18.68 -42.82 7.72
C ILE A 55 -19.63 -42.26 6.66
N ALA A 56 -19.62 -40.94 6.52
CA ALA A 56 -20.54 -40.22 5.66
C ALA A 56 -19.82 -39.75 4.40
N ALA A 57 -20.57 -39.09 3.53
CA ALA A 57 -20.04 -38.67 2.23
C ALA A 57 -19.19 -37.43 2.35
N LEU A 58 -19.77 -36.32 2.83
CA LEU A 58 -19.07 -35.04 2.86
C LEU A 58 -18.28 -34.96 4.15
N PRO A 59 -16.95 -34.96 4.10
CA PRO A 59 -16.14 -35.11 5.33
C PRO A 59 -15.79 -33.82 6.03
N LEU A 60 -16.50 -32.72 5.72
CA LEU A 60 -16.11 -31.41 6.25
C LEU A 60 -16.07 -31.40 7.78
N GLY A 61 -17.09 -31.95 8.42
CA GLY A 61 -17.18 -31.88 9.87
C GLY A 61 -17.21 -33.22 10.56
N GLY A 62 -18.18 -33.40 11.46
CA GLY A 62 -18.31 -34.64 12.21
C GLY A 62 -18.94 -34.42 13.57
N TYR A 63 -19.86 -35.30 13.95
CA TYR A 63 -20.57 -35.15 15.20
C TYR A 63 -20.97 -36.52 15.73
N VAL A 64 -21.23 -36.57 17.04
CA VAL A 64 -21.52 -37.82 17.74
C VAL A 64 -22.82 -37.65 18.52
N LYS A 65 -23.67 -38.68 18.47
CA LYS A 65 -24.94 -38.68 19.18
C LYS A 65 -24.88 -39.69 20.33
N LEU A 66 -25.29 -39.25 21.50
CA LEU A 66 -25.28 -40.06 22.71
C LEU A 66 -26.72 -40.38 23.12
N TYR A 67 -26.86 -41.01 24.29
CA TYR A 67 -28.16 -41.39 24.81
C TYR A 67 -28.58 -40.41 25.90
N GLY A 68 -29.76 -39.82 25.74
CA GLY A 68 -30.29 -38.90 26.73
C GLY A 68 -29.44 -37.67 26.95
N GLU A 69 -29.00 -37.03 25.85
CA GLU A 69 -28.16 -35.83 25.98
C GLU A 69 -28.91 -34.71 26.68
N GLU A 70 -30.00 -34.25 26.08
CA GLU A 70 -30.84 -33.22 26.67
C GLU A 70 -32.28 -33.66 26.83
N GLU A 71 -32.63 -34.87 26.42
CA GLU A 71 -33.99 -35.38 26.57
C GLU A 71 -34.30 -35.60 28.05
N ASN A 72 -35.59 -35.48 28.39
CA ASN A 72 -36.04 -35.65 29.77
C ASN A 72 -36.21 -37.14 30.09
N VAL A 73 -35.11 -37.87 29.93
CA VAL A 73 -35.06 -39.30 30.23
C VAL A 73 -34.30 -39.50 31.53
N HIS A 74 -34.92 -40.20 32.48
CA HIS A 74 -34.36 -40.40 33.81
C HIS A 74 -33.54 -41.68 33.91
N ASP A 75 -33.32 -42.38 32.80
CA ASP A 75 -32.49 -43.57 32.83
C ASP A 75 -31.06 -43.21 33.21
N PRO A 76 -30.39 -44.03 34.02
CA PRO A 76 -29.02 -43.68 34.45
C PRO A 76 -28.05 -43.47 33.31
N ARG A 77 -28.16 -44.25 32.23
CA ARG A 77 -27.25 -44.11 31.10
C ARG A 77 -27.50 -42.84 30.30
N ALA A 78 -28.59 -42.12 30.57
CA ALA A 78 -28.86 -40.87 29.86
C ALA A 78 -27.83 -39.82 30.23
N PHE A 79 -27.37 -39.08 29.21
CA PHE A 79 -26.35 -38.06 29.43
C PHE A 79 -26.88 -36.90 30.25
N SER A 80 -28.17 -36.58 30.11
CA SER A 80 -28.75 -35.47 30.85
C SER A 80 -28.70 -35.72 32.35
N THR A 81 -28.98 -36.95 32.78
CA THR A 81 -28.98 -37.27 34.21
C THR A 81 -27.60 -37.18 34.83
N LYS A 82 -26.54 -37.15 34.02
CA LYS A 82 -25.19 -37.12 34.56
C LYS A 82 -24.89 -35.78 35.20
N LYS A 83 -23.94 -35.79 36.13
CA LYS A 83 -23.57 -34.58 36.86
C LYS A 83 -22.94 -33.57 35.90
N PRO A 84 -23.18 -32.28 36.14
CA PRO A 84 -22.61 -31.25 35.24
C PRO A 84 -21.10 -31.34 35.05
N TRP A 85 -20.34 -31.65 36.11
CA TRP A 85 -18.89 -31.69 35.98
C TRP A 85 -18.46 -32.81 35.02
N GLN A 86 -19.12 -33.95 35.08
CA GLN A 86 -18.81 -35.02 34.14
C GLN A 86 -19.15 -34.61 32.71
N LYS A 87 -20.23 -33.85 32.54
CA LYS A 87 -20.58 -33.35 31.21
C LYS A 87 -19.51 -32.38 30.71
N ILE A 88 -18.99 -31.54 31.61
CA ILE A 88 -17.91 -30.63 31.25
C ILE A 88 -16.68 -31.42 30.81
N LEU A 89 -16.37 -32.50 31.53
CA LEU A 89 -15.24 -33.35 31.16
C LEU A 89 -15.46 -33.99 29.79
N ILE A 90 -16.69 -34.43 29.52
CA ILE A 90 -17.01 -34.98 28.21
C ILE A 90 -16.78 -33.93 27.13
N ALA A 91 -17.21 -32.70 27.39
CA ALA A 91 -16.99 -31.63 26.43
C ALA A 91 -15.50 -31.38 26.19
N LEU A 92 -14.71 -31.38 27.26
CA LEU A 92 -13.29 -31.08 27.16
C LEU A 92 -12.49 -32.24 26.58
N GLY A 93 -13.06 -33.45 26.55
CA GLY A 93 -12.32 -34.60 26.06
C GLY A 93 -11.80 -34.43 24.64
N GLY A 94 -12.61 -33.82 23.76
CA GLY A 94 -12.22 -33.62 22.39
C GLY A 94 -10.95 -32.82 22.22
N PRO A 95 -10.99 -31.53 22.61
CA PRO A 95 -9.78 -30.72 22.52
C PRO A 95 -8.61 -31.27 23.32
N LEU A 96 -8.87 -31.88 24.47
CA LEU A 96 -7.78 -32.49 25.23
C LEU A 96 -7.13 -33.61 24.45
N PHE A 97 -7.95 -34.46 23.81
CA PHE A 97 -7.40 -35.52 22.97
C PHE A 97 -6.63 -34.97 21.80
N ASN A 98 -7.12 -33.89 21.20
CA ASN A 98 -6.41 -33.26 20.09
C ASN A 98 -5.04 -32.74 20.55
N PHE A 99 -5.01 -32.10 21.71
CA PHE A 99 -3.74 -31.60 22.25
C PHE A 99 -2.78 -32.75 22.53
N LEU A 100 -3.27 -33.83 23.12
CA LEU A 100 -2.43 -34.99 23.39
C LEU A 100 -1.88 -35.57 22.10
N PHE A 101 -2.73 -35.68 21.08
CA PHE A 101 -2.29 -36.17 19.78
C PHE A 101 -1.20 -35.28 19.20
N THR A 102 -1.39 -33.95 19.28
CA THR A 102 -0.39 -33.03 18.75
C THR A 102 0.94 -33.18 19.48
N ILE A 103 0.90 -33.27 20.80
CA ILE A 103 2.13 -33.42 21.57
C ILE A 103 2.83 -34.73 21.20
N LEU A 104 2.05 -35.81 21.09
CA LEU A 104 2.64 -37.11 20.79
C LEU A 104 3.29 -37.12 19.42
N VAL A 105 2.62 -36.57 18.41
CA VAL A 105 3.19 -36.58 17.07
C VAL A 105 4.41 -35.65 16.99
N PHE A 106 4.36 -34.53 17.71
CA PHE A 106 5.52 -33.64 17.75
C PHE A 106 6.73 -34.33 18.36
N ALA A 107 6.52 -35.04 19.47
CA ALA A 107 7.61 -35.76 20.10
C ALA A 107 8.13 -36.87 19.20
N LEU A 108 7.23 -37.58 18.51
CA LEU A 108 7.66 -38.63 17.59
C LEU A 108 8.49 -38.06 16.45
N VAL A 109 8.07 -36.91 15.90
CA VAL A 109 8.85 -36.28 14.84
C VAL A 109 10.21 -35.86 15.34
N TYR A 110 10.27 -35.28 16.55
CA TYR A 110 11.55 -34.86 17.11
C TYR A 110 12.47 -36.05 17.33
N THR A 111 11.95 -37.16 17.84
CA THR A 111 12.76 -38.35 18.04
C THR A 111 13.24 -38.92 16.71
N ALA A 112 12.37 -38.92 15.69
CA ALA A 112 12.73 -39.42 14.37
C ALA A 112 13.73 -38.52 13.67
N GLY A 113 13.97 -37.31 14.17
CA GLY A 113 14.91 -36.41 13.56
C GLY A 113 14.29 -35.44 12.57
N VAL A 114 14.44 -34.15 12.84
CA VAL A 114 13.89 -33.11 11.98
C VAL A 114 15.02 -32.52 11.16
N GLU A 115 14.71 -32.15 9.92
CA GLU A 115 15.68 -31.59 8.99
C GLU A 115 15.46 -30.08 8.96
N VAL A 116 16.46 -29.33 9.41
CA VAL A 116 16.35 -27.88 9.47
C VAL A 116 17.60 -27.25 8.86
N PRO A 117 17.51 -26.06 8.26
CA PRO A 117 18.71 -25.41 7.73
C PRO A 117 19.73 -25.17 8.83
N LYS A 118 21.01 -25.37 8.49
CA LYS A 118 22.05 -25.29 9.50
C LYS A 118 22.17 -23.91 10.09
N TYR A 119 21.91 -22.87 9.31
CA TYR A 119 22.00 -21.50 9.82
C TYR A 119 21.01 -21.23 10.93
N LEU A 120 19.93 -22.01 11.01
CA LEU A 120 18.93 -21.81 12.05
C LEU A 120 19.43 -22.10 13.45
N LYS A 121 20.59 -22.77 13.59
CA LYS A 121 21.15 -23.09 14.88
C LYS A 121 22.49 -22.42 15.16
N GLU A 122 23.18 -21.91 14.14
CA GLU A 122 24.46 -21.28 14.35
C GLU A 122 24.28 -19.93 15.06
N PRO A 123 25.35 -19.42 15.68
CA PRO A 123 25.25 -18.11 16.33
C PRO A 123 24.88 -17.02 15.33
N VAL A 124 24.18 -16.01 15.83
CA VAL A 124 23.66 -14.95 14.97
C VAL A 124 24.79 -14.03 14.53
N VAL A 125 25.29 -14.24 13.31
CA VAL A 125 26.31 -13.40 12.70
C VAL A 125 25.73 -12.85 11.40
N VAL A 126 25.79 -11.53 11.24
CA VAL A 126 25.20 -10.87 10.08
C VAL A 126 26.22 -10.95 8.94
N GLY A 127 26.02 -11.91 8.03
CA GLY A 127 26.95 -12.04 6.93
C GLY A 127 26.69 -11.13 5.76
N TYR A 128 25.54 -10.47 5.72
CA TYR A 128 25.16 -9.62 4.60
C TYR A 128 24.01 -8.73 5.02
N VAL A 129 24.13 -7.43 4.78
CA VAL A 129 23.09 -6.47 5.09
C VAL A 129 22.45 -6.00 3.79
N GLN A 130 21.13 -6.05 3.73
CA GLN A 130 20.42 -5.59 2.54
C GLN A 130 20.58 -4.08 2.40
N ARG A 131 20.78 -3.63 1.17
CA ARG A 131 21.11 -2.22 0.93
C ARG A 131 19.97 -1.31 1.32
N ASP A 132 20.30 -0.24 2.06
CA ASP A 132 19.34 0.80 2.44
C ASP A 132 18.13 0.22 3.15
N SER A 133 18.37 -0.71 4.07
CA SER A 133 17.33 -1.32 4.87
C SER A 133 17.48 -0.89 6.33
N ILE A 134 16.56 -1.37 7.16
CA ILE A 134 16.54 -0.97 8.56
C ILE A 134 17.87 -1.29 9.23
N ALA A 135 18.41 -2.48 8.96
CA ALA A 135 19.69 -2.85 9.53
C ALA A 135 20.80 -1.92 9.05
N GLN A 136 20.81 -1.60 7.76
CA GLN A 136 21.81 -0.66 7.25
C GLN A 136 21.54 0.75 7.76
N LYS A 137 20.28 1.15 7.81
CA LYS A 137 19.95 2.51 8.23
C LYS A 137 20.36 2.78 9.67
N ILE A 138 20.11 1.81 10.56
CA ILE A 138 20.54 2.00 11.94
C ILE A 138 22.06 1.95 12.06
N GLY A 139 22.72 1.21 11.17
CA GLY A 139 24.17 1.18 11.16
C GLY A 139 24.78 -0.17 11.48
N ILE A 140 24.11 -1.26 11.10
CA ILE A 140 24.61 -2.61 11.37
C ILE A 140 25.60 -2.96 10.27
N LYS A 141 26.89 -2.89 10.60
CA LYS A 141 27.91 -3.32 9.65
C LYS A 141 27.89 -4.84 9.51
N PRO A 142 28.32 -5.36 8.37
CA PRO A 142 28.44 -6.82 8.24
C PRO A 142 29.50 -7.37 9.20
N GLY A 143 29.25 -8.58 9.67
CA GLY A 143 30.11 -9.19 10.67
C GLY A 143 29.75 -8.87 12.10
N ASP A 144 28.71 -8.08 12.34
CA ASP A 144 28.27 -7.77 13.69
C ASP A 144 27.42 -8.91 14.24
N LYS A 145 27.57 -9.17 15.53
CA LYS A 145 26.84 -10.25 16.20
C LYS A 145 25.77 -9.64 17.11
N ILE A 146 24.51 -9.97 16.83
CA ILE A 146 23.40 -9.54 17.67
C ILE A 146 23.31 -10.46 18.87
N ILE A 147 23.19 -9.88 20.07
CA ILE A 147 23.15 -10.69 21.27
C ILE A 147 21.80 -10.56 21.99
N LYS A 148 21.08 -9.46 21.77
CA LYS A 148 19.80 -9.33 22.44
C LYS A 148 18.88 -8.39 21.69
N ILE A 149 17.59 -8.74 21.65
CA ILE A 149 16.56 -7.79 21.25
C ILE A 149 15.43 -7.90 22.28
CA GLY A 151 13.29 -8.74 26.18
C GLY A 151 13.81 -10.14 25.98
N TYR A 152 13.53 -10.72 24.82
CA TYR A 152 13.94 -12.08 24.51
C TYR A 152 15.42 -12.08 24.13
N GLU A 153 16.27 -12.60 25.02
CA GLU A 153 17.67 -12.76 24.69
C GLU A 153 17.82 -13.76 23.55
N VAL A 154 18.67 -13.43 22.58
CA VAL A 154 18.80 -14.19 21.35
C VAL A 154 20.21 -14.78 21.28
N ARG A 155 20.30 -16.05 20.91
CA ARG A 155 21.58 -16.71 20.69
C ARG A 155 21.58 -17.41 19.34
N THR A 156 20.40 -17.84 18.89
CA THR A 156 20.25 -18.54 17.62
C THR A 156 19.31 -17.76 16.72
N TRP A 157 19.47 -17.95 15.41
CA TRP A 157 18.60 -17.29 14.44
C TRP A 157 17.14 -17.67 14.67
N GLU A 158 16.89 -18.91 15.09
CA GLU A 158 15.52 -19.30 15.42
C GLU A 158 14.99 -18.46 16.58
N ASP A 159 15.82 -18.21 17.58
CA ASP A 159 15.41 -17.34 18.69
C ASP A 159 15.11 -15.94 18.20
N LEU A 160 15.93 -15.43 17.27
CA LEU A 160 15.67 -14.10 16.73
C LEU A 160 14.35 -14.05 15.98
N ARG A 161 14.06 -15.07 15.18
CA ARG A 161 12.79 -15.12 14.45
C ARG A 161 11.61 -15.19 15.40
N ASP A 162 11.72 -16.02 16.44
CA ASP A 162 10.64 -16.14 17.41
C ASP A 162 10.42 -14.83 18.16
N ALA A 163 11.51 -14.17 18.56
CA ALA A 163 11.38 -12.88 19.23
C ALA A 163 10.75 -11.84 18.32
N LEU A 164 11.13 -11.85 17.04
CA LEU A 164 10.57 -10.90 16.10
C LEU A 164 9.08 -11.11 15.90
N ILE A 165 8.66 -12.37 15.76
CA ILE A 165 7.23 -12.62 15.55
C ILE A 165 6.44 -12.30 16.82
N ARG A 166 7.00 -12.58 18.00
CA ARG A 166 6.32 -12.21 19.23
C ARG A 166 6.21 -10.70 19.38
N LEU A 167 7.27 -9.97 19.04
CA LEU A 167 7.22 -8.51 19.13
C LEU A 167 6.23 -7.94 18.14
N SER A 168 6.16 -8.48 16.92
CA SER A 168 5.20 -8.02 15.94
C SER A 168 3.77 -8.30 16.41
N LEU A 169 3.53 -9.47 17.00
CA LEU A 169 2.20 -9.76 17.54
C LEU A 169 1.87 -8.84 18.71
N ASP A 170 2.84 -8.55 19.55
CA ASP A 170 2.62 -7.66 20.69
C ASP A 170 2.43 -6.21 20.28
N GLY A 171 2.68 -5.87 19.02
CA GLY A 171 2.54 -4.50 18.56
C GLY A 171 3.54 -3.54 19.14
N VAL A 172 4.78 -3.97 19.32
CA VAL A 172 5.86 -3.10 19.76
C VAL A 172 6.53 -2.50 18.55
N LYS A 173 6.90 -1.21 18.64
CA LYS A 173 7.47 -0.49 17.51
C LYS A 173 8.95 -0.19 17.71
N GLU A 174 9.31 0.46 18.80
CA GLU A 174 10.69 0.78 19.10
C GLU A 174 11.24 -0.23 20.09
N THR A 175 12.38 -0.83 19.77
CA THR A 175 12.92 -1.93 20.55
C THR A 175 14.41 -1.72 20.79
N THR A 176 14.84 -1.88 22.03
CA THR A 176 16.26 -1.86 22.32
C THR A 176 16.93 -3.09 21.74
N LEU A 177 18.10 -2.89 21.15
CA LEU A 177 18.85 -3.96 20.48
C LEU A 177 20.29 -3.91 20.96
N PHE A 178 20.71 -4.96 21.67
CA PHE A 178 22.08 -5.09 22.14
C PHE A 178 22.86 -5.87 21.08
N LEU A 179 23.75 -5.18 20.39
CA LEU A 179 24.57 -5.75 19.32
C LEU A 179 26.03 -5.69 19.71
N GLU A 180 26.77 -6.75 19.38
CA GLU A 180 28.14 -6.94 19.83
C GLU A 180 29.08 -6.97 18.63
N ARG A 181 30.18 -6.24 18.73
CA ARG A 181 31.27 -6.30 17.76
C ARG A 181 32.54 -5.80 18.43
N ASN A 182 33.58 -6.62 18.38
CA ASN A 182 34.86 -6.29 19.00
C ASN A 182 34.70 -5.97 20.49
N GLY A 183 33.79 -6.71 21.13
CA GLY A 183 33.52 -6.51 22.54
C GLY A 183 32.90 -5.15 22.87
N GLU A 184 31.91 -4.74 22.06
CA GLU A 184 31.18 -3.51 22.30
C GLU A 184 29.69 -3.80 22.18
N VAL A 185 28.96 -3.59 23.28
CA VAL A 185 27.51 -3.77 23.29
C VAL A 185 26.90 -2.41 22.99
N LEU A 186 26.67 -2.14 21.72
CA LEU A 186 26.16 -0.84 21.27
C LEU A 186 24.64 -0.90 21.21
N HIS A 187 24.00 -0.38 22.25
CA HIS A 187 22.54 -0.35 22.27
C HIS A 187 22.01 0.50 21.13
N LEU A 188 21.02 -0.03 20.41
CA LEU A 188 20.40 0.68 19.31
C LEU A 188 18.89 0.66 19.48
N THR A 189 18.22 1.61 18.84
CA THR A 189 16.76 1.72 18.89
C THR A 189 16.21 1.26 17.54
N ILE A 190 15.98 -0.05 17.42
CA ILE A 190 15.50 -0.60 16.16
C ILE A 190 13.99 -0.42 16.05
N LYS A 191 13.51 -0.43 14.81
CA LYS A 191 12.09 -0.40 14.53
C LYS A 191 11.63 -1.81 14.19
N VAL A 192 10.70 -2.34 14.97
CA VAL A 192 10.23 -3.70 14.74
C VAL A 192 9.39 -3.71 13.47
N PRO A 193 9.75 -4.52 12.48
CA PRO A 193 8.93 -4.62 11.28
C PRO A 193 7.71 -5.49 11.50
N ASN A 194 6.65 -5.20 10.76
CA ASN A 194 5.42 -5.98 10.82
C ASN A 194 5.67 -7.29 10.08
N VAL A 195 6.37 -8.21 10.75
CA VAL A 195 6.77 -9.47 10.14
C VAL A 195 5.56 -10.33 9.82
N GLN A 196 4.39 -10.02 10.38
CA GLN A 196 3.19 -10.77 10.07
C GLN A 196 2.83 -10.65 8.60
N LYS A 197 2.97 -9.45 8.03
CA LYS A 197 2.59 -9.22 6.65
C LYS A 197 3.74 -9.32 5.66
N GLY A 198 4.94 -9.67 6.12
CA GLY A 198 6.02 -9.97 5.20
C GLY A 198 7.32 -9.23 5.39
N GLU A 199 7.26 -7.97 5.79
CA GLU A 199 8.48 -7.17 5.90
C GLU A 199 9.40 -7.73 6.98
N GLU A 200 10.70 -7.63 6.73
CA GLU A 200 11.71 -8.22 7.61
C GLU A 200 12.77 -7.18 7.94
N LEU A 201 13.76 -7.60 8.73
CA LEU A 201 14.80 -6.70 9.23
C LEU A 201 15.93 -6.50 8.23
N GLY A 202 15.94 -7.20 7.11
CA GLY A 202 17.02 -7.06 6.15
C GLY A 202 18.36 -7.52 6.67
N ILE A 203 18.38 -8.62 7.42
CA ILE A 203 19.60 -9.21 7.94
C ILE A 203 19.77 -10.58 7.32
N ALA A 204 20.95 -10.85 6.78
CA ALA A 204 21.17 -12.12 6.12
C ALA A 204 22.25 -12.93 6.84
N PRO A 205 22.09 -14.25 6.90
CA PRO A 205 23.11 -15.09 7.50
C PRO A 205 24.22 -15.42 6.52
N LEU A 206 25.35 -15.85 7.07
CA LEU A 206 26.49 -16.24 6.24
C LEU A 206 26.12 -17.46 5.39
N VAL A 207 26.43 -17.38 4.10
CA VAL A 207 26.16 -18.45 3.15
C VAL A 207 27.42 -18.71 2.33
N LYS A 208 27.83 -19.97 2.26
CA LYS A 208 29.04 -20.31 1.53
C LYS A 208 28.83 -20.11 0.02
N PRO A 209 29.87 -19.68 -0.68
CA PRO A 209 29.79 -19.49 -2.15
C PRO A 209 29.91 -20.80 -2.92
N VAL A 210 28.79 -21.52 -3.02
CA VAL A 210 28.75 -22.80 -3.71
C VAL A 210 27.37 -22.97 -4.33
N VAL A 211 27.33 -23.54 -5.54
CA VAL A 211 26.11 -23.68 -6.33
C VAL A 211 25.56 -25.09 -6.10
N GLY A 212 24.27 -25.17 -5.79
CA GLY A 212 23.64 -26.47 -5.59
C GLY A 212 22.76 -26.89 -6.74
N GLY A 213 22.50 -25.99 -7.68
CA GLY A 213 21.66 -26.31 -8.81
C GLY A 213 21.74 -25.25 -9.89
N VAL A 214 21.39 -25.65 -11.10
CA VAL A 214 21.41 -24.77 -12.26
C VAL A 214 20.14 -25.00 -13.08
N LYS A 215 19.52 -23.92 -13.53
CA LYS A 215 18.35 -24.03 -14.38
C LYS A 215 18.73 -24.64 -15.72
N LYS A 216 17.93 -25.59 -16.20
CA LYS A 216 18.17 -26.19 -17.51
C LYS A 216 17.80 -25.20 -18.60
N GLY A 217 18.70 -25.01 -19.56
CA GLY A 217 18.53 -24.00 -20.58
C GLY A 217 19.09 -22.64 -20.23
N SER A 218 19.63 -22.47 -19.03
CA SER A 218 20.27 -21.23 -18.61
C SER A 218 21.64 -21.09 -19.27
N PRO A 219 22.10 -19.85 -19.49
CA PRO A 219 23.43 -19.67 -20.08
C PRO A 219 24.54 -20.29 -19.25
N ALA A 220 24.39 -20.30 -17.91
CA ALA A 220 25.35 -21.00 -17.07
C ALA A 220 25.34 -22.49 -17.36
N ASP A 221 24.15 -23.06 -17.59
CA ASP A 221 24.07 -24.46 -17.97
C ASP A 221 24.76 -24.72 -19.30
N GLN A 222 24.70 -23.77 -20.22
CA GLN A 222 25.40 -23.92 -21.50
C GLN A 222 26.91 -23.77 -21.34
N VAL A 223 27.35 -22.95 -20.38
CA VAL A 223 28.79 -22.79 -20.16
C VAL A 223 29.38 -24.07 -19.56
N GLY A 224 28.66 -24.69 -18.63
CA GLY A 224 29.12 -25.95 -18.05
C GLY A 224 29.26 -25.94 -16.54
N ILE A 225 28.53 -25.06 -15.87
CA ILE A 225 28.55 -25.00 -14.41
C ILE A 225 27.62 -26.06 -13.85
N LYS A 226 28.16 -27.23 -13.55
CA LYS A 226 27.34 -28.30 -12.99
C LYS A 226 27.00 -28.01 -11.54
N PRO A 227 25.87 -28.52 -11.05
CA PRO A 227 25.51 -28.31 -9.64
C PRO A 227 26.46 -29.04 -8.71
N GLY A 228 26.53 -28.53 -7.47
CA GLY A 228 27.37 -29.12 -6.46
C GLY A 228 28.82 -28.67 -6.46
N ASP A 229 29.16 -27.65 -7.23
CA ASP A 229 30.53 -27.15 -7.32
C ASP A 229 30.62 -25.76 -6.71
N LEU A 230 31.75 -25.49 -6.07
CA LEU A 230 32.00 -24.22 -5.43
C LEU A 230 32.70 -23.27 -6.37
N ILE A 231 32.50 -21.97 -6.16
CA ILE A 231 33.07 -20.92 -6.99
C ILE A 231 34.05 -20.12 -6.14
N LEU A 232 35.27 -19.94 -6.65
CA LEU A 232 36.30 -19.24 -5.88
C LEU A 232 36.13 -17.72 -5.98
N GLU A 233 36.25 -17.18 -7.20
CA GLU A 233 36.21 -15.74 -7.39
C GLU A 233 35.38 -15.40 -8.62
N VAL A 234 35.06 -14.12 -8.76
CA VAL A 234 34.41 -13.59 -9.94
C VAL A 234 35.27 -12.44 -10.47
N ASN A 235 35.82 -12.63 -11.67
CA ASN A 235 36.70 -11.63 -12.31
C ASN A 235 37.88 -11.28 -11.41
N GLY A 236 38.33 -12.22 -10.59
CA GLY A 236 39.43 -12.00 -9.68
C GLY A 236 39.04 -11.35 -8.37
N LYS A 237 37.78 -10.98 -8.20
CA LYS A 237 37.36 -10.33 -6.95
C LYS A 237 37.27 -11.37 -5.83
N LYS A 238 37.87 -11.03 -4.69
CA LYS A 238 37.85 -11.94 -3.54
C LYS A 238 36.46 -11.95 -2.93
N ILE A 239 35.76 -13.07 -3.10
CA ILE A 239 34.41 -13.26 -2.56
C ILE A 239 34.41 -14.46 -1.64
N ASN A 240 33.91 -14.28 -0.42
CA ASN A 240 33.81 -15.36 0.56
C ASN A 240 32.38 -15.61 1.01
N THR A 241 31.39 -15.05 0.31
CA THR A 241 29.99 -15.27 0.64
C THR A 241 29.18 -15.32 -0.65
N TRP A 242 28.26 -16.29 -0.73
CA TRP A 242 27.44 -16.43 -1.93
C TRP A 242 26.67 -15.16 -2.24
N TYR A 243 26.25 -14.43 -1.20
CA TYR A 243 25.55 -13.16 -1.44
C TYR A 243 26.44 -12.16 -2.14
N GLU A 244 27.75 -12.23 -1.92
CA GLU A 244 28.66 -11.37 -2.67
C GLU A 244 28.71 -11.75 -4.14
N LEU A 245 28.61 -13.04 -4.45
CA LEU A 245 28.44 -13.46 -5.84
C LEU A 245 27.16 -12.89 -6.42
N VAL A 246 26.08 -12.92 -5.63
CA VAL A 246 24.82 -12.34 -6.09
C VAL A 246 24.98 -10.85 -6.38
N GLU A 247 25.68 -10.14 -5.51
CA GLU A 247 25.92 -8.71 -5.73
C GLU A 247 26.73 -8.48 -7.00
N GLU A 248 27.76 -9.30 -7.22
CA GLU A 248 28.58 -9.15 -8.43
C GLU A 248 27.76 -9.40 -9.68
N VAL A 249 26.90 -10.42 -9.67
CA VAL A 249 26.04 -10.68 -10.82
C VAL A 249 25.05 -9.54 -11.02
N ARG A 250 24.52 -8.99 -9.92
CA ARG A 250 23.58 -7.87 -10.02
C ARG A 250 24.25 -6.65 -10.64
N LYS A 251 25.48 -6.36 -10.23
CA LYS A 251 26.19 -5.21 -10.79
C LYS A 251 26.77 -5.48 -12.17
N SER A 252 26.81 -6.75 -12.60
CA SER A 252 27.27 -7.06 -13.95
C SER A 252 26.35 -6.42 -14.99
N GLN A 253 25.04 -6.61 -14.82
CA GLN A 253 24.02 -5.99 -15.66
C GLN A 253 24.22 -6.30 -17.15
N GLY A 254 24.76 -7.48 -17.45
CA GLY A 254 24.94 -7.90 -18.83
C GLY A 254 26.37 -7.95 -19.29
N LYS A 255 27.31 -7.39 -18.54
CA LYS A 255 28.71 -7.42 -18.96
C LYS A 255 29.25 -8.85 -18.92
N ALA A 256 30.23 -9.12 -19.78
CA ALA A 256 30.88 -10.41 -19.79
C ALA A 256 31.55 -10.66 -18.44
N ILE A 257 31.34 -11.85 -17.88
CA ILE A 257 31.78 -12.18 -16.53
C ILE A 257 32.72 -13.37 -16.62
N LYS A 258 33.87 -13.25 -15.97
CA LYS A 258 34.87 -14.32 -15.90
C LYS A 258 34.84 -14.88 -14.48
N LEU A 259 34.19 -16.02 -14.33
CA LEU A 259 34.08 -16.69 -13.03
C LEU A 259 35.26 -17.66 -12.87
N LYS A 260 36.06 -17.44 -11.84
CA LYS A 260 37.12 -18.37 -11.46
C LYS A 260 36.49 -19.41 -10.54
N ILE A 261 36.12 -20.55 -11.12
CA ILE A 261 35.42 -21.62 -10.43
C ILE A 261 36.43 -22.63 -9.93
N LEU A 262 36.32 -23.02 -8.66
CA LEU A 262 37.13 -24.11 -8.11
C LEU A 262 36.36 -25.40 -8.36
N ARG A 263 36.66 -26.05 -9.48
CA ARG A 263 35.93 -27.26 -9.88
C ARG A 263 36.57 -28.46 -9.16
N ASN A 264 36.16 -28.64 -7.90
CA ASN A 264 36.58 -29.77 -7.08
C ASN A 264 38.09 -29.90 -7.03
N GLY A 265 38.77 -28.76 -6.93
CA GLY A 265 40.21 -28.72 -6.84
C GLY A 265 40.96 -28.15 -8.05
N LYS A 266 40.26 -27.64 -9.05
CA LYS A 266 40.91 -27.04 -10.20
C LYS A 266 40.18 -25.75 -10.55
N MET A 267 40.93 -24.81 -11.14
CA MET A 267 40.43 -23.47 -11.43
C MET A 267 40.06 -23.38 -12.90
N ILE A 268 38.82 -22.94 -13.16
CA ILE A 268 38.33 -22.73 -14.52
C ILE A 268 37.88 -21.28 -14.64
N GLU A 269 38.39 -20.59 -15.67
CA GLU A 269 37.98 -19.21 -15.95
C GLU A 269 36.81 -19.22 -16.93
N LYS A 270 35.65 -19.58 -16.40
CA LYS A 270 34.46 -19.68 -17.24
C LYS A 270 33.98 -18.29 -17.66
N GLU A 271 33.60 -18.17 -18.92
CA GLU A 271 33.10 -16.92 -19.47
C GLU A 271 31.58 -17.00 -19.65
N LEU A 272 30.87 -16.01 -19.13
CA LEU A 272 29.42 -16.00 -19.19
C LEU A 272 28.94 -14.61 -19.60
N ILE A 273 27.75 -14.56 -20.17
CA ILE A 273 27.12 -13.30 -20.56
C ILE A 273 25.75 -13.22 -19.91
N PRO A 274 25.66 -12.95 -18.62
CA PRO A 274 24.35 -12.83 -17.96
C PRO A 274 23.69 -11.49 -18.27
N ALA A 275 23.05 -11.44 -19.43
CA ALA A 275 22.49 -10.19 -19.96
C ALA A 275 21.22 -9.83 -19.19
N LYS A 276 20.52 -8.81 -19.66
CA LYS A 276 19.24 -8.42 -19.07
C LYS A 276 18.16 -9.32 -19.63
N ASP A 277 17.60 -10.18 -18.79
CA ASP A 277 16.59 -11.12 -19.25
C ASP A 277 15.34 -10.38 -19.71
N PRO A 278 14.85 -10.64 -20.92
CA PRO A 278 13.66 -9.91 -21.40
C PRO A 278 12.42 -10.14 -20.56
N LYS A 279 12.40 -11.19 -19.74
CA LYS A 279 11.26 -11.43 -18.86
C LYS A 279 11.04 -10.27 -17.90
N THR A 280 12.12 -9.73 -17.34
CA THR A 280 12.01 -8.62 -16.41
C THR A 280 13.08 -7.55 -16.61
N GLY A 281 13.85 -7.61 -17.68
CA GLY A 281 14.96 -6.68 -17.85
C GLY A 281 15.99 -6.81 -16.76
N THR A 282 16.31 -8.04 -16.36
CA THR A 282 17.16 -8.30 -15.22
C THR A 282 18.22 -9.34 -15.57
N TYR A 283 19.29 -9.35 -14.77
CA TYR A 283 20.35 -10.34 -14.91
C TYR A 283 19.79 -11.74 -14.76
N PHE A 284 20.17 -12.64 -15.67
CA PHE A 284 19.75 -14.03 -15.62
C PHE A 284 20.98 -14.93 -15.69
N ILE A 285 21.08 -15.85 -14.74
CA ILE A 285 22.17 -16.82 -14.72
C ILE A 285 21.61 -18.22 -14.49
N GLY A 286 20.35 -18.29 -14.05
CA GLY A 286 19.70 -19.58 -13.85
C GLY A 286 20.39 -20.49 -12.86
N LEU A 287 20.83 -19.95 -11.73
CA LEU A 287 21.56 -20.72 -10.73
C LEU A 287 20.70 -20.94 -9.49
N PHE A 288 21.15 -21.88 -8.66
CA PHE A 288 20.50 -22.19 -7.41
C PHE A 288 21.54 -22.24 -6.30
N PRO A 289 21.33 -21.57 -5.17
CA PRO A 289 22.28 -21.67 -4.07
C PRO A 289 22.24 -23.06 -3.44
N LYS A 290 23.38 -23.46 -2.89
CA LYS A 290 23.50 -24.77 -2.25
C LYS A 290 23.00 -24.64 -0.82
N THR A 291 21.75 -25.03 -0.59
CA THR A 291 21.21 -25.02 0.77
C THR A 291 21.80 -26.17 1.57
N GLU A 292 22.09 -25.90 2.84
CA GLU A 292 22.65 -26.89 3.74
C GLU A 292 21.67 -27.13 4.88
N THR A 293 21.41 -28.41 5.17
CA THR A 293 20.47 -28.79 6.21
C THR A 293 21.09 -29.85 7.09
N VAL A 294 20.63 -29.90 8.34
CA VAL A 294 21.09 -30.89 9.31
C VAL A 294 19.87 -31.55 9.92
N VAL A 295 20.04 -32.83 10.27
CA VAL A 295 18.99 -33.63 10.90
C VAL A 295 19.30 -33.76 12.37
N GLU A 296 18.35 -33.42 13.22
CA GLU A 296 18.51 -33.47 14.66
C GLU A 296 17.64 -34.57 15.26
N LYS A 297 18.16 -35.23 16.29
CA LYS A 297 17.48 -36.35 16.96
C LYS A 297 17.68 -36.18 18.46
N LYS A 298 16.72 -35.52 19.11
CA LYS A 298 16.81 -35.30 20.54
C LYS A 298 16.54 -36.60 21.30
N PRO A 299 17.06 -36.71 22.53
CA PRO A 299 16.74 -37.88 23.36
C PRO A 299 15.25 -37.95 23.64
N PHE A 300 14.75 -39.19 23.79
CA PHE A 300 13.31 -39.42 23.86
C PHE A 300 12.65 -38.56 24.94
N GLY A 301 13.20 -38.57 26.15
CA GLY A 301 12.68 -37.68 27.18
C GLY A 301 12.88 -36.23 26.85
N GLU A 302 14.07 -35.88 26.37
CA GLU A 302 14.33 -34.50 25.95
C GLU A 302 13.47 -34.13 24.75
N ALA A 303 13.23 -35.08 23.84
CA ALA A 303 12.34 -34.82 22.71
C ALA A 303 10.92 -34.55 23.19
N LEU A 304 10.45 -35.31 24.18
CA LEU A 304 9.11 -35.06 24.73
C LEU A 304 9.04 -33.70 25.40
N ALA A 305 10.09 -33.32 26.15
CA ALA A 305 10.11 -32.01 26.79
C ALA A 305 10.10 -30.89 25.75
N SER A 306 10.88 -31.05 24.68
CA SER A 306 10.90 -30.06 23.62
C SER A 306 9.55 -29.97 22.92
N ALA A 307 8.90 -31.12 22.72
CA ALA A 307 7.57 -31.12 22.11
C ALA A 307 6.57 -30.39 23.00
N VAL A 308 6.65 -30.61 24.31
CA VAL A 308 5.76 -29.90 25.23
C VAL A 308 6.01 -28.39 25.16
N ASN A 309 7.29 -27.99 25.14
CA ASN A 309 7.60 -26.57 25.05
C ASN A 309 7.08 -25.97 23.75
N ARG A 310 7.27 -26.68 22.64
CA ARG A 310 6.80 -26.18 21.35
C ARG A 310 5.28 -26.10 21.31
N THR A 311 4.60 -27.08 21.90
CA THR A 311 3.14 -27.04 21.98
C THR A 311 2.68 -25.84 22.78
N TRP A 312 3.34 -25.56 23.91
CA TRP A 312 2.99 -24.39 24.71
C TRP A 312 3.21 -23.10 23.92
N GLU A 313 4.33 -23.00 23.21
CA GLU A 313 4.61 -21.81 22.43
C GLU A 313 3.57 -21.62 21.32
N LEU A 314 3.22 -22.70 20.63
CA LEU A 314 2.24 -22.59 19.55
C LEU A 314 0.86 -22.26 20.08
N THR A 315 0.50 -22.82 21.23
CA THR A 315 -0.77 -22.47 21.85
C THR A 315 -0.81 -21.00 22.22
N VAL A 316 0.28 -20.48 22.79
CA VAL A 316 0.35 -19.07 23.12
C VAL A 316 0.22 -18.21 21.87
N LEU A 317 0.92 -18.60 20.81
CA LEU A 317 0.86 -17.83 19.56
C LEU A 317 -0.55 -17.84 18.97
N THR A 318 -1.21 -18.99 18.98
CA THR A 318 -2.58 -19.06 18.45
C THR A 318 -3.54 -18.25 19.29
N LEU A 319 -3.39 -18.29 20.62
CA LEU A 319 -4.24 -17.47 21.48
C LEU A 319 -4.02 -15.99 21.21
N LYS A 320 -2.76 -15.58 21.04
CA LYS A 320 -2.48 -14.18 20.71
C LYS A 320 -3.08 -13.80 19.36
N THR A 321 -3.01 -14.72 18.38
CA THR A 321 -3.63 -14.45 17.08
C THR A 321 -5.13 -14.28 17.21
N ILE A 322 -5.77 -15.13 18.01
CA ILE A 322 -7.21 -15.02 18.22
C ILE A 322 -7.55 -13.68 18.86
N ALA A 323 -6.77 -13.28 19.88
CA ALA A 323 -7.01 -12.01 20.54
C ALA A 323 -6.82 -10.84 19.58
N GLY A 324 -5.81 -10.91 18.72
CA GLY A 324 -5.61 -9.87 17.73
C GLY A 324 -6.76 -9.81 16.73
N LEU A 325 -7.26 -10.97 16.31
CA LEU A 325 -8.38 -11.00 15.37
C LEU A 325 -9.63 -10.41 16.00
N ILE A 326 -9.89 -10.72 17.27
CA ILE A 326 -11.07 -10.18 17.93
C ILE A 326 -10.93 -8.69 18.19
N THR A 327 -9.71 -8.16 18.15
CA THR A 327 -9.48 -6.72 18.32
C THR A 327 -9.19 -6.01 17.00
N GLY A 328 -9.24 -6.72 15.88
CA GLY A 328 -8.98 -6.12 14.58
C GLY A 328 -7.52 -5.97 14.22
N LYS A 329 -6.61 -6.52 15.03
CA LYS A 329 -5.18 -6.40 14.74
C LYS A 329 -4.82 -7.12 13.45
N VAL A 330 -5.38 -8.30 13.22
CA VAL A 330 -5.10 -9.10 12.04
C VAL A 330 -6.38 -9.26 11.24
N SER A 331 -6.30 -9.06 9.92
CA SER A 331 -7.48 -9.11 9.07
C SER A 331 -8.05 -10.52 9.01
N PHE A 332 -9.32 -10.59 8.60
CA PHE A 332 -10.03 -11.86 8.51
C PHE A 332 -9.55 -12.72 7.35
N GLN A 333 -8.77 -12.17 6.42
CA GLN A 333 -8.32 -12.92 5.26
C GLN A 333 -7.27 -13.97 5.59
N THR A 334 -6.70 -13.94 6.80
CA THR A 334 -5.68 -14.90 7.19
C THR A 334 -6.27 -16.20 7.71
N LEU A 335 -7.59 -16.31 7.81
CA LEU A 335 -8.20 -17.54 8.29
C LEU A 335 -8.01 -18.66 7.27
N GLY A 336 -7.80 -19.87 7.77
CA GLY A 336 -7.61 -21.02 6.91
C GLY A 336 -8.85 -21.88 6.76
N GLY A 337 -9.48 -21.81 5.60
CA GLY A 337 -10.64 -22.63 5.32
C GLY A 337 -10.26 -24.02 4.86
N PRO A 338 -11.27 -24.88 4.75
CA PRO A 338 -11.00 -26.28 4.36
C PRO A 338 -10.32 -26.43 3.01
N ILE A 339 -10.61 -25.54 2.05
CA ILE A 339 -9.93 -25.59 0.77
C ILE A 339 -8.46 -25.19 0.92
N ALA A 340 -8.20 -24.17 1.74
CA ALA A 340 -6.82 -23.83 2.06
C ALA A 340 -6.13 -24.98 2.77
N ILE A 341 -6.86 -25.68 3.64
CA ILE A 341 -6.32 -26.87 4.29
C ILE A 341 -5.96 -27.91 3.24
N ALA A 342 -6.81 -28.10 2.25
CA ALA A 342 -6.53 -29.08 1.19
C ALA A 342 -5.28 -28.70 0.42
N GLN A 343 -5.15 -27.43 0.02
CA GLN A 343 -4.00 -27.03 -0.77
C GLN A 343 -2.71 -27.13 0.04
N ILE A 344 -2.74 -26.72 1.31
CA ILE A 344 -1.52 -26.80 2.12
C ILE A 344 -1.18 -28.25 2.44
N ALA A 345 -2.19 -29.11 2.59
CA ALA A 345 -1.93 -30.53 2.79
C ALA A 345 -1.30 -31.15 1.57
N GLY A 346 -1.77 -30.79 0.38
CA GLY A 346 -1.13 -31.26 -0.84
C GLY A 346 0.30 -30.77 -0.96
N GLN A 347 0.55 -29.52 -0.60
CA GLN A 347 1.91 -28.98 -0.61
C GLN A 347 2.81 -29.76 0.34
N ALA A 348 2.32 -30.05 1.55
CA ALA A 348 3.10 -30.83 2.50
C ALA A 348 3.35 -32.24 1.99
N ALA A 349 2.33 -32.86 1.38
CA ALA A 349 2.47 -34.22 0.88
C ALA A 349 3.52 -34.29 -0.22
N GLN A 350 3.48 -33.35 -1.16
CA GLN A 350 4.51 -33.35 -2.20
C GLN A 350 5.88 -32.97 -1.63
N SER A 351 5.89 -32.21 -0.53
CA SER A 351 7.16 -31.92 0.13
C SER A 351 7.75 -33.18 0.77
N GLY A 352 6.91 -34.04 1.31
CA GLY A 352 7.38 -35.25 1.96
C GLY A 352 6.32 -35.78 2.92
N PHE A 353 6.77 -36.58 3.88
CA PHE A 353 5.90 -37.15 4.90
C PHE A 353 6.18 -36.61 6.30
N ILE A 354 7.44 -36.41 6.66
CA ILE A 354 7.75 -35.72 7.91
C ILE A 354 7.21 -34.29 7.91
N PRO A 355 7.41 -33.48 6.87
CA PRO A 355 6.69 -32.20 6.82
C PRO A 355 5.19 -32.37 6.85
N TYR A 356 4.68 -33.42 6.22
CA TYR A 356 3.26 -33.72 6.31
C TYR A 356 2.85 -33.98 7.76
N LEU A 357 3.67 -34.71 8.50
CA LEU A 357 3.34 -35.01 9.89
C LEU A 357 3.35 -33.75 10.76
N VAL A 358 4.36 -32.89 10.60
CA VAL A 358 4.42 -31.70 11.44
C VAL A 358 3.29 -30.74 11.08
N MET A 359 2.96 -30.62 9.79
CA MET A 359 1.82 -29.80 9.42
C MET A 359 0.52 -30.40 9.94
N MET A 360 0.41 -31.72 9.98
CA MET A 360 -0.75 -32.35 10.59
C MET A 360 -0.85 -32.00 12.06
N ALA A 361 0.29 -32.01 12.77
CA ALA A 361 0.30 -31.61 14.17
C ALA A 361 -0.18 -30.17 14.33
N PHE A 362 0.34 -29.27 13.51
CA PHE A 362 -0.02 -27.86 13.63
C PHE A 362 -1.51 -27.66 13.35
N ILE A 363 -2.02 -28.28 12.30
CA ILE A 363 -3.43 -28.08 11.97
C ILE A 363 -4.34 -28.76 13.00
N SER A 364 -3.88 -29.87 13.59
CA SER A 364 -4.65 -30.49 14.67
C SER A 364 -4.70 -29.58 15.89
N LEU A 365 -3.59 -28.94 16.22
CA LEU A 365 -3.59 -27.98 17.32
C LEU A 365 -4.52 -26.81 17.01
N GLN A 366 -4.49 -26.33 15.76
CA GLN A 366 -5.38 -25.25 15.37
C GLN A 366 -6.84 -25.65 15.53
N LEU A 367 -7.18 -26.87 15.09
CA LEU A 367 -8.56 -27.35 15.23
C LEU A 367 -8.95 -27.45 16.70
N GLY A 368 -8.06 -27.99 17.53
CA GLY A 368 -8.36 -28.13 18.95
C GLY A 368 -8.58 -26.79 19.62
N ILE A 369 -7.74 -25.80 19.30
CA ILE A 369 -7.92 -24.47 19.86
C ILE A 369 -9.21 -23.85 19.37
N PHE A 370 -9.52 -23.99 18.08
CA PHE A 370 -10.73 -23.39 17.53
C PHE A 370 -11.97 -23.99 18.15
N ASN A 371 -11.98 -25.30 18.38
CA ASN A 371 -13.17 -25.94 18.94
C ASN A 371 -13.35 -25.64 20.43
N LEU A 372 -12.56 -24.77 21.04
CA LEU A 372 -12.68 -24.49 22.47
C LEU A 372 -13.37 -23.17 22.78
N ILE A 373 -13.55 -22.31 21.78
CA ILE A 373 -14.13 -20.98 22.00
C ILE A 373 -15.59 -21.13 22.44
N PRO A 374 -16.09 -20.22 23.29
CA PRO A 374 -17.51 -20.29 23.67
C PRO A 374 -18.42 -19.96 22.49
N LEU A 375 -19.16 -20.96 22.00
CA LEU A 375 -20.02 -20.76 20.85
C LEU A 375 -21.04 -21.89 20.76
N PRO A 376 -22.32 -21.58 20.63
CA PRO A 376 -23.34 -22.62 20.49
C PRO A 376 -23.05 -23.54 19.31
N ILE A 377 -23.40 -24.82 19.47
CA ILE A 377 -23.16 -25.87 18.49
C ILE A 377 -21.67 -25.93 18.17
N LEU A 378 -20.85 -25.78 19.22
CA LEU A 378 -19.42 -25.98 19.13
C LEU A 378 -18.96 -26.73 20.38
N ASP A 379 -17.79 -27.36 20.27
CA ASP A 379 -17.26 -28.16 21.38
C ASP A 379 -16.93 -27.29 22.58
N GLY A 380 -17.10 -25.97 22.45
CA GLY A 380 -16.86 -25.06 23.55
C GLY A 380 -18.13 -24.50 24.16
N GLY A 381 -19.18 -24.37 23.35
CA GLY A 381 -20.41 -23.76 23.84
C GLY A 381 -21.10 -24.59 24.90
N LEU A 382 -21.15 -25.91 24.71
CA LEU A 382 -21.81 -26.77 25.70
C LEU A 382 -21.10 -26.71 27.04
N ILE A 383 -19.79 -26.44 27.05
CA ILE A 383 -19.10 -26.21 28.31
C ILE A 383 -19.71 -25.01 29.03
N LEU A 384 -19.92 -23.92 28.29
CA LEU A 384 -20.53 -22.74 28.89
C LEU A 384 -21.95 -23.02 29.38
N LEU A 385 -22.74 -23.74 28.57
CA LEU A 385 -24.10 -24.08 28.97
C LEU A 385 -24.11 -24.86 30.27
N PHE A 386 -23.30 -25.92 30.34
CA PHE A 386 -23.31 -26.77 31.52
C PHE A 386 -22.71 -26.07 32.72
N ALA A 387 -21.72 -25.20 32.51
CA ALA A 387 -21.18 -24.41 33.61
C ALA A 387 -22.23 -23.45 34.16
N ILE A 388 -23.02 -22.82 33.27
CA ILE A 388 -24.08 -21.94 33.72
C ILE A 388 -25.12 -22.71 34.52
N GLU A 389 -25.52 -23.88 34.01
CA GLU A 389 -26.48 -24.70 34.73
C GLU A 389 -25.93 -25.15 36.08
N TRP A 390 -24.64 -25.47 36.14
CA TRP A 390 -24.02 -25.90 37.39
C TRP A 390 -23.99 -24.78 38.41
N LEU A 391 -23.54 -23.59 38.00
CA LEU A 391 -23.46 -22.47 38.93
C LEU A 391 -24.84 -22.02 39.40
N ARG A 392 -25.82 -22.01 38.48
CA ARG A 392 -27.17 -21.62 38.85
C ARG A 392 -27.99 -22.78 39.43
N GLY A 393 -27.56 -24.01 39.23
CA GLY A 393 -28.22 -25.16 39.81
C GLY A 393 -29.44 -25.66 39.06
N ARG A 394 -29.83 -25.00 37.98
CA ARG A 394 -30.99 -25.42 37.21
C ARG A 394 -30.69 -25.38 35.72
N PRO A 395 -31.37 -26.20 34.93
CA PRO A 395 -31.12 -26.18 33.48
C PRO A 395 -31.60 -24.90 32.83
N LEU A 396 -30.99 -24.60 31.69
CA LEU A 396 -31.37 -23.42 30.92
C LEU A 396 -32.80 -23.56 30.40
N PRO A 397 -33.54 -22.46 30.31
CA PRO A 397 -34.91 -22.53 29.78
C PRO A 397 -34.94 -23.13 28.38
N GLU A 398 -35.97 -23.94 28.13
CA GLU A 398 -36.05 -24.67 26.87
C GLU A 398 -36.18 -23.74 25.67
N LYS A 399 -37.00 -22.70 25.80
CA LYS A 399 -37.10 -21.71 24.72
C LYS A 399 -35.76 -21.00 24.51
N PHE A 400 -35.10 -20.63 25.61
CA PHE A 400 -33.75 -20.07 25.51
C PHE A 400 -32.78 -21.08 24.91
N LYS A 401 -32.95 -22.36 25.25
CA LYS A 401 -32.12 -23.39 24.65
C LYS A 401 -32.28 -23.44 23.14
N GLU A 402 -33.53 -23.40 22.66
CA GLU A 402 -33.78 -23.42 21.23
C GLU A 402 -33.22 -22.19 20.56
N TYR A 403 -33.41 -21.02 21.17
CA TYR A 403 -32.86 -19.79 20.62
C TYR A 403 -31.34 -19.86 20.51
N TRP A 404 -30.69 -20.34 21.57
CA TRP A 404 -29.24 -20.46 21.59
C TRP A 404 -28.75 -21.41 20.50
N GLN A 405 -29.38 -22.57 20.39
CA GLN A 405 -28.98 -23.54 19.37
C GLN A 405 -29.19 -22.98 17.96
N ARG A 406 -30.31 -22.30 17.73
CA ARG A 406 -30.60 -21.77 16.40
C ARG A 406 -29.61 -20.67 16.02
N VAL A 407 -29.33 -19.74 16.94
CA VAL A 407 -28.40 -18.66 16.62
C VAL A 407 -26.99 -19.22 16.43
N GLY A 408 -26.62 -20.25 17.20
CA GLY A 408 -25.34 -20.89 16.98
C GLY A 408 -25.24 -21.54 15.63
N LEU A 409 -26.28 -22.27 15.22
CA LEU A 409 -26.29 -22.87 13.90
C LEU A 409 -26.15 -21.80 12.82
N ALA A 410 -26.89 -20.70 12.97
CA ALA A 410 -26.84 -19.63 11.98
C ALA A 410 -25.45 -19.02 11.87
N ILE A 411 -24.83 -18.73 13.02
CA ILE A 411 -23.53 -18.06 12.98
C ILE A 411 -22.46 -19.00 12.45
N ILE A 412 -22.52 -20.28 12.82
CA ILE A 412 -21.58 -21.25 12.27
C ILE A 412 -21.74 -21.35 10.76
N ILE A 413 -22.98 -21.41 10.29
CA ILE A 413 -23.21 -21.51 8.85
C ILE A 413 -22.64 -20.30 8.13
N THR A 414 -22.96 -19.10 8.61
CA THR A 414 -22.54 -17.90 7.89
C THR A 414 -21.02 -17.74 7.93
N LEU A 415 -20.37 -18.08 9.05
CA LEU A 415 -18.92 -18.00 9.08
C LEU A 415 -18.28 -19.04 8.18
N THR A 416 -18.88 -20.23 8.08
CA THR A 416 -18.36 -21.23 7.16
C THR A 416 -18.44 -20.75 5.71
N ILE A 417 -19.57 -20.13 5.33
CA ILE A 417 -19.67 -19.60 3.97
C ILE A 417 -18.68 -18.45 3.76
N PHE A 418 -18.46 -17.63 4.78
CA PHE A 418 -17.52 -16.53 4.66
C PHE A 418 -16.10 -17.05 4.44
N VAL A 419 -15.69 -18.03 5.23
CA VAL A 419 -14.35 -18.58 5.03
C VAL A 419 -14.28 -19.35 3.72
N PHE A 420 -15.40 -19.91 3.26
CA PHE A 420 -15.43 -20.56 1.95
C PHE A 420 -15.14 -19.57 0.83
N ILE A 421 -15.84 -18.44 0.83
CA ILE A 421 -15.59 -17.46 -0.22
C ILE A 421 -14.21 -16.85 -0.07
N ASN A 422 -13.68 -16.77 1.16
CA ASN A 422 -12.28 -16.38 1.33
C ASN A 422 -11.36 -17.39 0.66
N ASP A 423 -11.66 -18.68 0.77
CA ASP A 423 -10.87 -19.69 0.10
C ASP A 423 -10.93 -19.55 -1.41
N ILE A 424 -12.12 -19.25 -1.95
CA ILE A 424 -12.23 -19.02 -3.39
C ILE A 424 -11.41 -17.81 -3.81
N LEU A 425 -11.44 -16.74 -2.99
CA LEU A 425 -10.63 -15.56 -3.28
C LEU A 425 -9.15 -15.90 -3.30
N ARG A 426 -8.70 -16.71 -2.33
CA ARG A 426 -7.30 -17.15 -2.32
C ARG A 426 -6.97 -17.99 -3.55
N LEU A 427 -7.91 -18.84 -3.97
CA LEU A 427 -7.72 -19.64 -5.17
C LEU A 427 -7.60 -18.77 -6.40
N LEU A 428 -8.30 -17.64 -6.43
CA LEU A 428 -8.26 -16.76 -7.60
C LEU A 428 -6.86 -16.23 -7.86
N ARG A 429 -6.16 -15.82 -6.79
CA ARG A 429 -4.80 -15.32 -6.94
C ARG A 429 -3.80 -16.46 -7.05
N GLY B 1 7.92 16.31 22.91
CA GLY B 1 8.59 17.35 22.15
C GLY B 1 7.77 17.88 21.00
N SER B 2 8.34 18.81 20.24
CA SER B 2 7.65 19.38 19.10
C SER B 2 7.44 18.33 18.01
N GLU B 3 6.35 18.49 17.27
CA GLU B 3 6.08 17.57 16.17
C GLU B 3 7.03 17.85 15.01
N VAL B 4 7.09 16.88 14.09
CA VAL B 4 7.95 17.02 12.92
C VAL B 4 7.57 18.29 12.16
N LYS B 5 8.57 19.08 11.80
CA LYS B 5 8.32 20.32 11.08
C LYS B 5 9.46 20.60 10.13
N LEU B 6 9.12 20.97 8.89
CA LEU B 6 10.10 21.32 7.86
C LEU B 6 9.64 22.60 7.18
N VAL B 7 10.55 23.54 7.00
CA VAL B 7 10.24 24.84 6.39
C VAL B 7 11.32 25.15 5.36
N GLU B 8 10.91 25.30 4.10
CA GLU B 8 11.84 25.59 3.03
C GLU B 8 11.94 27.08 2.76
N SER B 9 13.13 27.52 2.34
CA SER B 9 13.38 28.90 1.98
C SER B 9 14.36 28.94 0.82
N GLY B 10 14.44 30.11 0.17
CA GLY B 10 15.37 30.34 -0.92
C GLY B 10 14.75 30.46 -2.28
N GLY B 11 13.45 30.23 -2.42
CA GLY B 11 12.79 30.34 -3.71
C GLY B 11 12.62 31.77 -4.16
N GLY B 12 12.07 31.91 -5.36
CA GLY B 12 11.82 33.20 -5.95
C GLY B 12 12.15 33.18 -7.43
N LEU B 13 12.36 34.37 -7.98
CA LEU B 13 12.66 34.56 -9.39
C LEU B 13 14.16 34.69 -9.59
N VAL B 14 14.71 33.91 -10.51
CA VAL B 14 16.14 33.92 -10.79
C VAL B 14 16.35 33.84 -12.30
N GLN B 15 17.30 34.62 -12.80
CA GLN B 15 17.56 34.64 -14.23
C GLN B 15 18.30 33.38 -14.67
N PRO B 16 18.16 32.98 -15.93
CA PRO B 16 18.85 31.79 -16.42
C PRO B 16 20.36 31.92 -16.32
N GLY B 17 21.02 30.79 -16.11
CA GLY B 17 22.46 30.76 -15.97
C GLY B 17 23.00 31.15 -14.61
N GLY B 18 22.12 31.41 -13.64
CA GLY B 18 22.54 31.81 -12.32
C GLY B 18 22.69 30.63 -11.37
N SER B 19 22.97 30.95 -10.11
CA SER B 19 23.15 29.94 -9.09
C SER B 19 22.48 30.43 -7.80
N LEU B 20 22.12 29.47 -6.95
CA LEU B 20 21.52 29.80 -5.66
C LEU B 20 21.55 28.57 -4.78
N ARG B 21 21.19 28.77 -3.51
CA ARG B 21 21.13 27.68 -2.54
C ARG B 21 19.78 27.71 -1.86
N LEU B 22 19.12 26.56 -1.84
CA LEU B 22 17.86 26.41 -1.13
C LEU B 22 18.14 25.85 0.25
N SER B 23 17.28 26.20 1.21
CA SER B 23 17.45 25.80 2.59
C SER B 23 16.20 25.11 3.10
N CYS B 24 16.40 24.19 4.04
CA CYS B 24 15.31 23.48 4.68
C CYS B 24 15.63 23.40 6.17
N VAL B 25 14.84 24.09 6.98
CA VAL B 25 15.01 24.12 8.42
C VAL B 25 14.07 23.07 9.02
N THR B 26 14.62 22.17 9.83
CA THR B 26 13.88 21.07 10.39
C THR B 26 13.78 21.22 11.91
N SER B 27 12.79 20.55 12.48
CA SER B 27 12.60 20.59 13.92
C SER B 27 11.68 19.45 14.33
N GLY B 28 11.73 19.11 15.61
CA GLY B 28 10.87 18.08 16.17
C GLY B 28 11.44 16.68 16.13
N PHE B 29 12.64 16.49 15.59
CA PHE B 29 13.24 15.16 15.52
C PHE B 29 14.75 15.29 15.42
N THR B 30 15.44 14.23 15.81
CA THR B 30 16.89 14.17 15.73
C THR B 30 17.29 14.19 14.25
N PHE B 31 17.93 15.28 13.83
CA PHE B 31 18.17 15.53 12.42
C PHE B 31 19.16 14.55 11.81
N THR B 32 20.20 14.19 12.56
CA THR B 32 21.26 13.36 12.02
C THR B 32 20.86 11.89 11.86
N ASP B 33 19.63 11.52 12.19
CA ASP B 33 19.23 10.12 12.14
C ASP B 33 18.36 9.77 10.94
N TYR B 34 17.98 10.73 10.09
CA TYR B 34 17.05 10.43 9.02
C TYR B 34 17.60 10.86 7.67
N TYR B 35 17.29 10.08 6.64
CA TYR B 35 17.54 10.49 5.25
C TYR B 35 16.74 11.74 4.91
N MET B 36 17.35 12.63 4.13
CA MET B 36 16.77 13.84 3.59
C MET B 36 16.90 13.85 2.08
N SER B 37 15.93 14.47 1.40
CA SER B 37 15.84 14.43 -0.06
C SER B 37 15.32 15.78 -0.55
N TRP B 38 15.46 16.02 -1.86
CA TRP B 38 14.93 17.21 -2.50
C TRP B 38 14.02 16.91 -3.68
N VAL B 39 13.02 16.03 -3.49
CA VAL B 39 12.08 15.74 -4.57
C VAL B 39 11.38 17.05 -4.97
N ARG B 40 11.22 17.24 -6.28
CA ARG B 40 10.59 18.44 -6.82
C ARG B 40 9.24 18.15 -7.45
N GLN B 41 8.35 19.14 -7.40
CA GLN B 41 7.02 19.06 -7.98
C GLN B 41 6.76 20.24 -8.91
N PRO B 42 6.96 20.07 -10.21
CA PRO B 42 6.67 21.15 -11.15
C PRO B 42 5.17 21.40 -11.24
N PRO B 43 4.74 22.57 -11.70
CA PRO B 43 3.30 22.82 -11.83
C PRO B 43 2.61 21.88 -12.81
N GLY B 44 1.61 21.15 -12.30
CA GLY B 44 0.80 20.25 -13.10
C GLY B 44 1.55 19.10 -13.76
N LYS B 45 2.65 18.66 -13.16
CA LYS B 45 3.46 17.57 -13.69
C LYS B 45 3.86 16.65 -12.54
N ALA B 46 4.28 15.44 -12.89
CA ALA B 46 4.64 14.44 -11.88
C ALA B 46 5.92 14.82 -11.13
N LEU B 47 6.03 14.24 -9.94
CA LEU B 47 7.19 14.42 -9.06
C LEU B 47 8.45 13.82 -9.66
N GLU B 48 9.58 14.48 -9.40
CA GLU B 48 10.88 14.10 -9.92
C GLU B 48 11.83 14.04 -8.72
N TRP B 49 12.30 12.85 -8.38
CA TRP B 49 13.29 12.74 -7.31
C TRP B 49 14.63 13.30 -7.77
N LEU B 50 15.26 14.10 -6.91
CA LEU B 50 16.52 14.73 -7.25
C LEU B 50 17.73 14.10 -6.58
N ALA B 51 17.69 13.92 -5.26
CA ALA B 51 18.83 13.37 -4.54
C ALA B 51 18.38 13.00 -3.14
N PHE B 52 19.20 12.18 -2.48
CA PHE B 52 19.01 11.95 -1.05
C PHE B 52 20.36 11.75 -0.40
N ILE B 53 20.41 12.01 0.92
CA ILE B 53 21.63 11.87 1.71
C ILE B 53 21.39 10.97 2.91
N ARG B 54 22.35 10.09 3.19
CA ARG B 54 22.28 9.07 4.22
C ARG B 54 22.59 9.66 5.58
N ASN B 55 22.52 8.83 6.63
CA ASN B 55 22.67 9.30 8.00
C ASN B 55 24.14 9.38 8.39
N LYS B 56 24.37 9.63 9.69
CA LYS B 56 25.73 9.83 10.17
C LYS B 56 26.49 8.51 10.18
N VAL B 57 25.82 7.43 10.61
CA VAL B 57 26.42 6.11 10.68
C VAL B 57 26.75 5.53 9.32
N ASN B 58 26.25 6.15 8.25
CA ASN B 58 26.51 5.72 6.89
C ASN B 58 27.40 6.69 6.13
N GLY B 59 28.09 7.57 6.85
CA GLY B 59 29.07 8.45 6.24
C GLY B 59 28.51 9.62 5.48
N TYR B 60 27.22 9.93 5.63
CA TYR B 60 26.60 11.07 4.95
C TYR B 60 26.74 10.97 3.44
N THR B 61 26.68 9.76 2.89
CA THR B 61 26.84 9.62 1.45
C THR B 61 25.57 10.06 0.75
N THR B 62 25.73 10.42 -0.52
CA THR B 62 24.67 10.99 -1.33
C THR B 62 24.38 10.13 -2.55
N GLU B 63 23.14 10.20 -3.00
CA GLU B 63 22.73 9.58 -4.25
C GLU B 63 21.96 10.61 -5.06
N TYR B 64 22.22 10.63 -6.37
CA TYR B 64 21.73 11.66 -7.26
C TYR B 64 21.01 11.06 -8.46
N ARG B 65 20.01 11.78 -8.95
CA ARG B 65 19.47 11.49 -10.27
C ARG B 65 20.52 11.78 -11.32
N ALA B 66 20.65 10.89 -12.30
CA ALA B 66 21.74 10.98 -13.27
C ALA B 66 21.70 12.27 -14.06
N SER B 67 20.51 12.82 -14.33
CA SER B 67 20.41 14.04 -15.11
C SER B 67 20.96 15.25 -14.37
N VAL B 68 21.00 15.25 -13.04
CA VAL B 68 21.40 16.41 -12.27
C VAL B 68 22.76 16.23 -11.63
N LYS B 69 23.40 15.08 -11.79
CA LYS B 69 24.72 14.86 -11.21
C LYS B 69 25.74 15.81 -11.83
N GLY B 70 26.55 16.44 -10.98
CA GLY B 70 27.45 17.48 -11.42
C GLY B 70 26.84 18.85 -11.52
N ARG B 71 25.51 18.96 -11.43
CA ARG B 71 24.79 20.23 -11.46
C ARG B 71 24.22 20.62 -10.12
N PHE B 72 23.63 19.67 -9.40
CA PHE B 72 22.96 19.90 -8.13
C PHE B 72 23.79 19.27 -7.01
N THR B 73 23.79 19.90 -5.84
CA THR B 73 24.55 19.39 -4.70
C THR B 73 23.71 19.50 -3.45
N ILE B 74 23.53 18.38 -2.75
CA ILE B 74 22.79 18.31 -1.50
C ILE B 74 23.79 18.19 -0.35
N SER B 75 23.47 18.82 0.79
CA SER B 75 24.41 18.78 1.90
C SER B 75 23.69 19.15 3.18
N ARG B 76 24.32 18.82 4.31
CA ARG B 76 23.79 19.17 5.62
C ARG B 76 24.71 20.17 6.33
N ASP B 77 24.12 20.97 7.21
CA ASP B 77 24.90 21.90 8.01
C ASP B 77 25.73 21.16 9.05
N SER B 78 26.86 21.76 9.42
CA SER B 78 27.80 21.09 10.31
C SER B 78 27.31 21.05 11.75
N SER B 79 26.66 22.12 12.21
CA SER B 79 26.25 22.22 13.61
C SER B 79 24.79 22.57 13.80
N GLN B 80 24.00 22.63 12.73
CA GLN B 80 22.59 22.97 12.83
C GLN B 80 21.77 21.98 12.04
N SER B 81 20.49 21.87 12.39
CA SER B 81 19.59 20.94 11.71
C SER B 81 19.01 21.60 10.46
N ILE B 82 19.92 21.97 9.56
CA ILE B 82 19.57 22.68 8.34
C ILE B 82 20.12 21.88 7.16
N LEU B 83 19.29 21.67 6.15
CA LEU B 83 19.70 20.99 4.93
C LEU B 83 19.78 21.99 3.79
N TYR B 84 20.80 21.86 2.94
CA TYR B 84 21.03 22.81 1.87
C TYR B 84 20.99 22.08 0.54
N LEU B 85 20.73 22.85 -0.52
CA LEU B 85 20.80 22.33 -1.88
C LEU B 85 21.30 23.45 -2.79
N GLN B 86 22.54 23.33 -3.24
CA GLN B 86 23.12 24.29 -4.17
C GLN B 86 22.79 23.89 -5.59
N VAL B 87 22.38 24.87 -6.39
CA VAL B 87 21.97 24.65 -7.77
C VAL B 87 22.63 25.73 -8.62
N ASN B 88 23.18 25.32 -9.77
CA ASN B 88 23.84 26.21 -10.70
C ASN B 88 23.36 25.92 -12.12
N THR B 89 23.78 26.79 -13.04
CA THR B 89 23.42 26.70 -14.46
C THR B 89 21.92 26.52 -14.64
N LEU B 90 21.16 27.43 -14.03
CA LEU B 90 19.71 27.33 -14.02
C LEU B 90 19.13 27.58 -15.41
N ARG B 91 18.18 26.74 -15.80
CA ARG B 91 17.47 26.91 -17.06
C ARG B 91 15.96 26.99 -16.77
N ALA B 92 15.20 27.38 -17.81
CA ALA B 92 13.76 27.52 -17.65
C ALA B 92 13.06 26.23 -17.26
N GLU B 93 13.65 25.07 -17.56
CA GLU B 93 13.01 23.82 -17.19
C GLU B 93 13.10 23.53 -15.70
N ASP B 94 13.97 24.23 -14.97
CA ASP B 94 14.11 24.04 -13.53
C ASP B 94 13.05 24.77 -12.72
N SER B 95 12.18 25.56 -13.35
CA SER B 95 11.15 26.26 -12.61
C SER B 95 10.15 25.25 -12.06
N ALA B 96 10.04 25.18 -10.73
CA ALA B 96 9.17 24.18 -10.10
C ALA B 96 9.05 24.50 -8.62
N THR B 97 8.21 23.75 -7.93
CA THR B 97 8.18 23.76 -6.48
C THR B 97 9.11 22.67 -5.94
N TYR B 98 10.06 23.06 -5.09
CA TYR B 98 11.08 22.17 -4.57
C TYR B 98 10.73 21.80 -3.13
N TYR B 99 10.60 20.50 -2.87
CA TYR B 99 10.14 19.99 -1.58
C TYR B 99 11.31 19.37 -0.85
N CYS B 100 11.46 19.72 0.43
CA CYS B 100 12.36 19.05 1.35
C CYS B 100 11.61 18.01 2.16
N ALA B 101 12.19 16.83 2.36
CA ALA B 101 11.41 15.78 3.00
C ALA B 101 12.26 14.89 3.89
N ARG B 102 11.63 14.46 4.98
CA ARG B 102 12.12 13.46 5.93
C ARG B 102 11.55 12.10 5.59
N ASP B 103 12.41 11.08 5.64
CA ASP B 103 12.03 9.75 5.20
C ASP B 103 11.84 8.85 6.43
N ARG B 104 11.03 7.82 6.27
CA ARG B 104 10.87 6.85 7.34
C ARG B 104 12.09 5.92 7.39
N GLY B 105 12.10 5.06 8.41
CA GLY B 105 13.13 4.06 8.59
C GLY B 105 12.82 2.68 8.05
N GLY B 106 11.77 2.52 7.26
CA GLY B 106 11.41 1.23 6.72
C GLY B 106 12.42 0.73 5.70
N ASN B 107 12.05 -0.38 5.05
CA ASN B 107 12.87 -0.94 3.98
C ASN B 107 12.81 -0.02 2.77
N GLY B 108 13.94 0.55 2.39
CA GLY B 108 14.04 1.29 1.15
C GLY B 108 13.46 2.68 1.36
N VAL B 109 14.05 3.70 0.76
CA VAL B 109 13.71 5.06 1.16
C VAL B 109 12.36 5.44 0.60
N TYR B 110 11.43 5.79 1.48
CA TYR B 110 10.21 6.51 1.16
C TYR B 110 10.10 7.71 2.11
N PHE B 111 9.26 8.66 1.74
CA PHE B 111 9.22 9.99 2.36
C PHE B 111 7.97 10.14 3.22
N ASP B 112 8.18 10.10 4.54
CA ASP B 112 7.11 10.09 5.54
C ASP B 112 6.70 11.48 6.00
N TYR B 113 7.48 12.51 5.73
CA TYR B 113 7.07 13.87 6.13
C TYR B 113 7.64 14.86 5.14
N TRP B 114 6.77 15.72 4.62
CA TRP B 114 7.15 16.68 3.59
C TRP B 114 7.04 18.10 4.14
N GLY B 115 7.94 18.97 3.65
CA GLY B 115 7.87 20.37 3.96
C GLY B 115 6.85 21.09 3.10
N GLN B 116 6.70 22.38 3.37
CA GLN B 116 5.70 23.16 2.64
C GLN B 116 6.12 23.38 1.19
N GLY B 117 7.42 23.43 0.92
CA GLY B 117 7.92 23.60 -0.42
C GLY B 117 8.21 25.04 -0.74
N THR B 118 9.16 25.27 -1.65
CA THR B 118 9.47 26.62 -2.08
C THR B 118 9.49 26.68 -3.60
N THR B 119 8.94 27.75 -4.17
CA THR B 119 8.73 27.84 -5.61
C THR B 119 9.86 28.64 -6.26
N LEU B 120 10.45 28.07 -7.30
CA LEU B 120 11.52 28.69 -8.06
C LEU B 120 11.05 28.94 -9.48
N THR B 121 11.26 30.16 -9.98
CA THR B 121 10.91 30.52 -11.34
C THR B 121 12.19 31.01 -12.02
N VAL B 122 12.55 30.35 -13.11
CA VAL B 122 13.76 30.67 -13.86
C VAL B 122 13.39 31.23 -15.22
N SER B 123 13.57 32.54 -15.41
CA SER B 123 13.25 33.15 -16.68
C SER B 123 13.98 34.49 -16.78
N SER B 124 14.15 34.96 -18.02
CA SER B 124 14.77 36.24 -18.30
C SER B 124 13.78 37.39 -18.45
N ALA B 125 12.48 37.12 -18.33
CA ALA B 125 11.50 38.18 -18.53
C ALA B 125 11.53 39.21 -17.40
N LYS B 126 11.22 40.44 -17.77
CA LYS B 126 11.27 41.58 -16.87
C LYS B 126 9.95 41.69 -16.13
N THR B 127 10.00 42.06 -14.86
CA THR B 127 8.76 42.25 -14.12
C THR B 127 7.96 43.38 -14.74
N THR B 128 6.68 43.12 -15.02
CA THR B 128 5.81 44.05 -15.72
C THR B 128 4.45 44.13 -15.04
N PRO B 129 3.93 45.34 -14.79
CA PRO B 129 2.59 45.46 -14.21
C PRO B 129 1.54 45.11 -15.24
N PRO B 130 0.33 44.75 -14.81
CA PRO B 130 -0.71 44.33 -15.76
C PRO B 130 -1.53 45.50 -16.29
N SER B 131 -2.20 45.23 -17.40
CA SER B 131 -3.20 46.12 -17.96
C SER B 131 -4.55 45.44 -17.82
N VAL B 132 -5.50 46.13 -17.20
CA VAL B 132 -6.80 45.55 -16.88
C VAL B 132 -7.86 46.19 -17.76
N TYR B 133 -8.54 45.36 -18.54
CA TYR B 133 -9.59 45.89 -19.38
C TYR B 133 -10.93 45.27 -19.03
N PRO B 134 -11.99 46.07 -18.94
CA PRO B 134 -13.31 45.51 -18.67
C PRO B 134 -13.88 44.91 -19.93
N LEU B 135 -14.77 43.93 -19.76
CA LEU B 135 -15.45 43.31 -20.89
C LEU B 135 -16.96 43.42 -20.66
N ALA B 136 -17.60 44.38 -21.31
CA ALA B 136 -19.02 44.52 -21.07
C ALA B 136 -19.82 44.34 -22.36
N PRO B 137 -21.03 43.79 -22.28
CA PRO B 137 -21.91 43.62 -23.44
C PRO B 137 -22.66 44.90 -23.81
N SER B 145 -32.69 38.67 -15.86
CA SER B 145 -32.15 37.35 -15.59
C SER B 145 -30.78 37.43 -14.91
N MET B 146 -29.88 36.54 -15.30
CA MET B 146 -28.50 36.56 -14.82
C MET B 146 -27.59 37.06 -15.93
N VAL B 147 -26.73 38.01 -15.62
CA VAL B 147 -25.80 38.60 -16.58
C VAL B 147 -24.39 38.38 -16.06
N THR B 148 -23.46 38.16 -16.97
CA THR B 148 -22.08 37.87 -16.62
C THR B 148 -21.16 39.01 -17.06
N LEU B 149 -20.42 39.56 -16.11
CA LEU B 149 -19.39 40.55 -16.38
C LEU B 149 -18.03 39.93 -16.05
N GLY B 150 -16.97 40.70 -16.21
CA GLY B 150 -15.64 40.17 -15.95
C GLY B 150 -14.58 41.24 -16.14
N CYS B 151 -13.36 40.85 -15.79
CA CYS B 151 -12.19 41.71 -15.97
C CYS B 151 -11.06 40.88 -16.56
N LEU B 152 -10.30 41.47 -17.48
CA LEU B 152 -9.19 40.81 -18.15
C LEU B 152 -7.87 41.48 -17.77
N VAL B 153 -6.94 40.71 -17.22
CA VAL B 153 -5.63 41.21 -16.81
C VAL B 153 -4.61 40.64 -17.77
N LYS B 154 -3.91 41.50 -18.49
CA LYS B 154 -3.09 41.08 -19.61
C LYS B 154 -1.74 41.75 -19.52
N GLY B 155 -0.69 41.01 -19.91
CA GLY B 155 0.61 41.60 -20.09
C GLY B 155 1.36 41.89 -18.81
N TYR B 156 1.30 40.99 -17.83
CA TYR B 156 1.99 41.17 -16.57
C TYR B 156 2.98 40.04 -16.34
N PHE B 157 3.93 40.30 -15.45
CA PHE B 157 4.93 39.32 -15.04
C PHE B 157 5.59 39.82 -13.77
N PRO B 158 5.85 38.97 -12.78
CA PRO B 158 5.56 37.53 -12.69
C PRO B 158 4.28 37.25 -11.92
N GLU B 159 3.98 35.98 -11.65
CA GLU B 159 2.88 35.65 -10.78
C GLU B 159 3.24 36.04 -9.35
N PRO B 160 2.23 36.21 -8.48
CA PRO B 160 0.79 36.04 -8.70
C PRO B 160 0.06 37.37 -8.86
N VAL B 161 -1.22 37.30 -9.23
CA VAL B 161 -2.09 38.46 -9.30
C VAL B 161 -3.41 38.09 -8.65
N THR B 162 -3.87 38.92 -7.72
CA THR B 162 -5.11 38.65 -7.02
C THR B 162 -6.21 39.57 -7.55
N VAL B 163 -7.43 39.04 -7.63
CA VAL B 163 -8.56 39.77 -8.17
C VAL B 163 -9.72 39.64 -7.19
N THR B 164 -10.35 40.76 -6.86
CA THR B 164 -11.57 40.76 -6.08
C THR B 164 -12.62 41.58 -6.83
N TRP B 165 -13.87 41.45 -6.39
CA TRP B 165 -14.98 42.18 -6.98
C TRP B 165 -15.73 42.96 -5.90
N ASN B 166 -15.88 44.27 -6.14
CA ASN B 166 -16.51 45.18 -5.19
C ASN B 166 -15.82 45.13 -3.83
N SER B 167 -14.49 45.16 -3.86
CA SER B 167 -13.66 45.17 -2.66
C SER B 167 -13.97 44.00 -1.73
N GLY B 168 -14.26 42.84 -2.30
CA GLY B 168 -14.54 41.66 -1.51
C GLY B 168 -16.01 41.40 -1.21
N SER B 169 -16.87 42.41 -1.35
CA SER B 169 -18.28 42.23 -1.03
C SER B 169 -19.03 41.40 -2.05
N LEU B 170 -18.47 41.18 -3.23
CA LEU B 170 -19.10 40.36 -4.27
C LEU B 170 -18.26 39.10 -4.44
N SER B 171 -18.71 37.99 -3.84
CA SER B 171 -17.96 36.74 -3.87
C SER B 171 -18.74 35.58 -4.47
N SER B 172 -20.06 35.64 -4.51
CA SER B 172 -20.87 34.57 -5.05
C SER B 172 -20.85 34.63 -6.57
N GLY B 173 -20.63 33.50 -7.22
CA GLY B 173 -20.62 33.51 -8.67
C GLY B 173 -19.36 34.06 -9.29
N VAL B 174 -18.22 33.93 -8.60
CA VAL B 174 -16.95 34.44 -9.10
C VAL B 174 -16.12 33.27 -9.59
N HIS B 175 -15.62 33.38 -10.82
CA HIS B 175 -14.76 32.38 -11.44
C HIS B 175 -13.45 33.04 -11.87
N THR B 176 -12.37 32.74 -11.17
CA THR B 176 -11.04 33.26 -11.48
C THR B 176 -10.23 32.16 -12.14
N PHE B 177 -9.89 32.35 -13.40
CA PHE B 177 -9.25 31.33 -14.22
C PHE B 177 -7.74 31.39 -14.05
N PRO B 178 -7.07 30.24 -14.16
CA PRO B 178 -5.61 30.24 -14.02
C PRO B 178 -4.94 30.99 -15.15
N ALA B 179 -3.75 31.51 -14.87
CA ALA B 179 -3.04 32.33 -15.83
C ALA B 179 -2.47 31.49 -16.96
N VAL B 180 -2.32 32.11 -18.13
CA VAL B 180 -1.75 31.48 -19.31
C VAL B 180 -0.58 32.33 -19.80
N LEU B 181 0.50 31.67 -20.16
CA LEU B 181 1.73 32.34 -20.58
C LEU B 181 1.78 32.40 -22.10
N GLN B 182 2.21 33.54 -22.64
CA GLN B 182 2.40 33.70 -24.07
C GLN B 182 3.39 34.82 -24.31
N SER B 183 4.49 34.49 -25.00
CA SER B 183 5.53 35.46 -25.34
C SER B 183 6.04 36.15 -24.08
N ASP B 184 6.35 35.35 -23.07
CA ASP B 184 6.94 35.83 -21.83
C ASP B 184 6.02 36.79 -21.10
N LEU B 185 4.72 36.73 -21.35
CA LEU B 185 3.78 37.61 -20.65
C LEU B 185 2.54 36.80 -20.30
N TYR B 186 1.99 37.03 -19.11
CA TYR B 186 0.83 36.26 -18.70
C TYR B 186 -0.49 36.99 -19.00
N THR B 187 -1.55 36.19 -19.08
CA THR B 187 -2.92 36.66 -19.28
C THR B 187 -3.87 35.85 -18.40
N LEU B 188 -4.71 36.54 -17.65
CA LEU B 188 -5.66 35.93 -16.72
C LEU B 188 -6.99 36.66 -16.88
N SER B 189 -8.07 35.94 -16.61
CA SER B 189 -9.39 36.54 -16.72
C SER B 189 -10.26 36.11 -15.54
N SER B 190 -11.24 36.94 -15.21
CA SER B 190 -12.16 36.64 -14.13
C SER B 190 -13.57 37.02 -14.55
N SER B 191 -14.54 36.21 -14.12
CA SER B 191 -15.94 36.39 -14.45
C SER B 191 -16.78 36.43 -13.17
N VAL B 192 -17.91 37.13 -13.26
CA VAL B 192 -18.87 37.26 -12.17
C VAL B 192 -20.27 37.29 -12.77
N THR B 193 -21.22 36.66 -12.09
CA THR B 193 -22.60 36.61 -12.55
C THR B 193 -23.52 37.27 -11.53
N VAL B 194 -24.20 38.33 -11.94
CA VAL B 194 -25.09 39.08 -11.05
C VAL B 194 -26.48 39.14 -11.69
N PRO B 195 -27.52 39.31 -10.87
CA PRO B 195 -28.86 39.49 -11.42
C PRO B 195 -28.97 40.77 -12.25
N SER B 196 -29.78 40.71 -13.31
CA SER B 196 -29.91 41.87 -14.18
C SER B 196 -30.59 43.03 -13.47
N SER B 197 -31.28 42.77 -12.37
CA SER B 197 -31.92 43.79 -11.56
C SER B 197 -30.94 44.49 -10.62
N THR B 198 -29.69 44.04 -10.57
CA THR B 198 -28.65 44.63 -9.74
C THR B 198 -27.57 45.34 -10.52
N TRP B 199 -27.61 45.31 -11.85
CA TRP B 199 -26.62 46.01 -12.64
C TRP B 199 -27.33 46.46 -13.90
N PRO B 200 -27.11 47.70 -14.35
CA PRO B 200 -26.21 48.74 -13.83
C PRO B 200 -26.82 49.67 -12.77
N SER B 201 -27.87 49.27 -12.04
CA SER B 201 -28.40 50.16 -11.00
C SER B 201 -27.43 50.38 -9.85
N GLU B 202 -26.58 49.41 -9.54
CA GLU B 202 -25.50 49.62 -8.57
C GLU B 202 -24.16 49.30 -9.23
N THR B 203 -23.12 49.98 -8.77
CA THR B 203 -21.83 49.91 -9.42
C THR B 203 -21.15 48.58 -9.15
N VAL B 204 -20.39 48.12 -10.14
CA VAL B 204 -19.58 46.91 -10.05
C VAL B 204 -18.18 47.24 -10.51
N THR B 205 -17.19 47.05 -9.64
CA THR B 205 -15.82 47.41 -9.89
C THR B 205 -14.94 46.24 -9.50
N CYS B 206 -13.98 45.90 -10.37
CA CYS B 206 -13.01 44.85 -10.05
C CYS B 206 -11.70 45.48 -9.56
N ASN B 207 -11.09 44.84 -8.57
CA ASN B 207 -9.84 45.30 -7.99
C ASN B 207 -8.76 44.25 -8.23
N VAL B 208 -7.63 44.69 -8.76
CA VAL B 208 -6.54 43.80 -9.15
C VAL B 208 -5.27 44.23 -8.41
N ALA B 209 -4.61 43.26 -7.79
CA ALA B 209 -3.38 43.48 -7.04
C ALA B 209 -2.26 42.66 -7.65
N HIS B 210 -1.11 43.31 -7.84
CA HIS B 210 0.11 42.70 -8.34
C HIS B 210 1.26 43.14 -7.45
N PRO B 211 1.49 42.43 -6.33
CA PRO B 211 2.48 42.90 -5.35
C PRO B 211 3.90 42.94 -5.89
N ALA B 212 4.22 42.15 -6.92
CA ALA B 212 5.58 42.13 -7.45
C ALA B 212 5.99 43.48 -8.02
N SER B 213 5.02 44.31 -8.41
CA SER B 213 5.31 45.64 -8.93
C SER B 213 4.58 46.72 -8.13
N SER B 214 4.04 46.36 -6.96
CA SER B 214 3.33 47.29 -6.10
C SER B 214 2.18 47.94 -6.86
N THR B 215 1.41 47.13 -7.57
CA THR B 215 0.31 47.60 -8.39
C THR B 215 -1.02 47.24 -7.73
N LYS B 216 -1.95 48.20 -7.71
CA LYS B 216 -3.29 47.97 -7.14
C LYS B 216 -4.25 48.87 -7.92
N VAL B 217 -4.92 48.28 -8.91
CA VAL B 217 -5.76 49.02 -9.85
C VAL B 217 -7.22 48.70 -9.54
N ASP B 218 -8.07 49.72 -9.57
CA ASP B 218 -9.51 49.52 -9.55
C ASP B 218 -10.08 49.89 -10.92
N LYS B 219 -10.95 49.04 -11.46
CA LYS B 219 -11.54 49.27 -12.77
C LYS B 219 -13.04 49.06 -12.68
N LYS B 220 -13.81 50.13 -12.82
CA LYS B 220 -15.26 50.02 -12.82
C LYS B 220 -15.74 49.61 -14.21
N ILE B 221 -16.63 48.62 -14.27
CA ILE B 221 -17.16 48.16 -15.54
C ILE B 221 -18.44 48.94 -15.83
N VAL B 222 -18.40 49.78 -16.87
CA VAL B 222 -19.55 50.58 -17.26
C VAL B 222 -20.05 49.95 -18.56
N PRO B 223 -21.35 49.97 -18.86
CA PRO B 223 -21.79 49.36 -20.11
C PRO B 223 -21.37 50.17 -21.32
N ARG B 224 -21.27 49.48 -22.43
CA ARG B 224 -20.83 50.03 -23.71
C ARG B 224 -22.02 50.20 -24.64
N ASP B 225 -21.72 50.46 -25.92
CA ASP B 225 -22.75 50.54 -26.95
C ASP B 225 -23.17 49.15 -27.43
N CYS B 226 -22.27 48.17 -27.34
CA CYS B 226 -22.59 46.80 -27.74
C CYS B 226 -21.76 45.80 -26.95
N ASP C 1 14.95 4.03 -17.08
CA ASP C 1 14.71 3.67 -15.68
C ASP C 1 13.29 3.14 -15.49
N ILE C 2 12.93 2.91 -14.23
CA ILE C 2 11.61 2.39 -13.89
C ILE C 2 10.58 3.49 -14.06
N VAL C 3 9.51 3.20 -14.78
CA VAL C 3 8.45 4.17 -15.07
C VAL C 3 7.19 3.69 -14.39
N MET C 4 6.59 4.56 -13.59
CA MET C 4 5.31 4.30 -12.93
C MET C 4 4.20 4.92 -13.78
N THR C 5 3.33 4.07 -14.34
CA THR C 5 2.31 4.52 -15.28
C THR C 5 0.94 4.42 -14.62
N GLN C 6 0.32 5.57 -14.36
CA GLN C 6 -1.06 5.66 -13.91
C GLN C 6 -1.96 5.93 -15.12
N SER C 7 -2.70 4.90 -15.54
CA SER C 7 -3.42 4.97 -16.81
C SER C 7 -4.47 6.07 -16.82
N HIS C 8 -5.01 6.42 -15.65
CA HIS C 8 -6.10 7.38 -15.55
C HIS C 8 -5.57 8.68 -14.94
N LYS C 9 -5.78 9.79 -15.65
CA LYS C 9 -5.45 11.10 -15.08
C LYS C 9 -6.59 11.64 -14.22
N PHE C 10 -7.82 11.21 -14.48
CA PHE C 10 -8.97 11.63 -13.70
C PHE C 10 -9.85 10.43 -13.42
N MET C 11 -10.52 10.46 -12.26
CA MET C 11 -11.41 9.39 -11.85
C MET C 11 -12.62 9.98 -11.14
N SER C 12 -13.81 9.55 -11.55
CA SER C 12 -15.06 10.06 -11.02
C SER C 12 -15.59 9.15 -9.92
N THR C 13 -16.17 9.75 -8.88
CA THR C 13 -16.72 8.98 -7.77
C THR C 13 -17.66 9.87 -6.98
N SER C 14 -18.39 9.24 -6.06
CA SER C 14 -19.32 9.93 -5.17
C SER C 14 -18.94 9.65 -3.73
N VAL C 15 -19.49 10.47 -2.82
CA VAL C 15 -19.20 10.29 -1.40
C VAL C 15 -19.85 9.01 -0.91
N GLY C 16 -19.06 8.15 -0.29
CA GLY C 16 -19.53 6.88 0.22
C GLY C 16 -19.24 5.69 -0.68
N ASP C 17 -18.74 5.90 -1.88
CA ASP C 17 -18.45 4.82 -2.80
C ASP C 17 -17.01 4.33 -2.62
N ARG C 18 -16.62 3.35 -3.43
CA ARG C 18 -15.29 2.78 -3.40
C ARG C 18 -14.61 3.05 -4.74
N VAL C 19 -13.35 3.46 -4.68
CA VAL C 19 -12.58 3.85 -5.87
C VAL C 19 -11.34 2.97 -5.94
N SER C 20 -10.98 2.56 -7.15
CA SER C 20 -9.75 1.77 -7.36
C SER C 20 -8.86 2.52 -8.33
N ILE C 21 -7.75 3.03 -7.82
CA ILE C 21 -6.74 3.73 -8.62
C ILE C 21 -5.62 2.76 -8.95
N THR C 22 -5.35 2.58 -10.24
CA THR C 22 -4.40 1.59 -10.70
C THR C 22 -3.06 2.27 -10.99
N CYS C 23 -2.00 1.48 -10.91
CA CYS C 23 -0.64 1.95 -11.16
C CYS C 23 0.16 0.79 -11.74
N LYS C 24 0.80 1.03 -12.87
CA LYS C 24 1.51 -0.01 -13.61
C LYS C 24 2.99 0.32 -13.68
N ALA C 25 3.83 -0.63 -13.26
CA ALA C 25 5.27 -0.45 -13.27
C ALA C 25 5.87 -0.95 -14.58
N SER C 26 6.99 -0.34 -14.98
CA SER C 26 7.65 -0.74 -16.22
C SER C 26 8.24 -2.14 -16.10
N GLN C 27 8.72 -2.51 -14.90
CA GLN C 27 9.29 -3.83 -14.68
C GLN C 27 8.94 -4.28 -13.26
N ASP C 28 9.37 -5.50 -12.92
CA ASP C 28 9.08 -6.07 -11.61
C ASP C 28 9.76 -5.26 -10.52
N VAL C 29 8.97 -4.75 -9.58
CA VAL C 29 9.50 -4.02 -8.42
C VAL C 29 9.14 -4.70 -7.11
N GLY C 30 8.62 -5.92 -7.17
CA GLY C 30 8.17 -6.62 -5.99
C GLY C 30 7.07 -5.89 -5.27
N THR C 31 7.35 -5.49 -4.02
CA THR C 31 6.42 -4.69 -3.22
C THR C 31 7.05 -3.40 -2.70
N ASP C 32 8.15 -2.94 -3.30
CA ASP C 32 8.80 -1.72 -2.83
C ASP C 32 8.10 -0.49 -3.41
N VAL C 33 6.84 -0.32 -3.00
CA VAL C 33 5.99 0.74 -3.53
C VAL C 33 5.29 1.47 -2.39
N ALA C 34 5.21 2.80 -2.52
CA ALA C 34 4.52 3.67 -1.59
C ALA C 34 3.50 4.49 -2.36
N TRP C 35 2.48 4.96 -1.64
CA TRP C 35 1.42 5.78 -2.20
C TRP C 35 1.29 7.07 -1.42
N TYR C 36 0.97 8.16 -2.12
CA TYR C 36 0.86 9.45 -1.47
C TYR C 36 -0.43 10.14 -1.92
N GLN C 37 -0.87 11.08 -1.07
CA GLN C 37 -2.02 11.93 -1.29
C GLN C 37 -1.59 13.39 -1.15
N GLN C 38 -2.04 14.22 -2.09
CA GLN C 38 -1.72 15.64 -2.09
C GLN C 38 -2.99 16.43 -2.37
N LYS C 39 -3.36 17.28 -1.43
CA LYS C 39 -4.48 18.19 -1.57
C LYS C 39 -4.00 19.51 -2.15
N PRO C 40 -4.88 20.26 -2.80
CA PRO C 40 -4.45 21.53 -3.40
C PRO C 40 -3.84 22.47 -2.37
N GLY C 41 -2.67 23.00 -2.70
CA GLY C 41 -1.95 23.91 -1.84
C GLY C 41 -1.27 23.29 -0.64
N GLN C 42 -1.26 21.97 -0.53
CA GLN C 42 -0.66 21.29 0.62
C GLN C 42 0.39 20.30 0.13
N SER C 43 1.21 19.85 1.07
CA SER C 43 2.28 18.93 0.72
C SER C 43 1.73 17.51 0.61
N PRO C 44 2.41 16.63 -0.12
CA PRO C 44 1.99 15.22 -0.17
C PRO C 44 2.08 14.57 1.20
N LYS C 45 1.30 13.50 1.37
CA LYS C 45 1.26 12.79 2.64
C LYS C 45 1.23 11.29 2.37
N LEU C 46 2.16 10.55 2.97
CA LEU C 46 2.24 9.11 2.74
C LEU C 46 1.10 8.39 3.42
N LEU C 47 0.43 7.53 2.68
CA LEU C 47 -0.67 6.73 3.23
C LEU C 47 -0.28 5.27 3.42
N ILE C 48 0.24 4.62 2.39
CA ILE C 48 0.55 3.20 2.44
C ILE C 48 1.96 2.98 1.91
N TYR C 49 2.67 2.02 2.51
CA TYR C 49 3.94 1.50 2.02
C TYR C 49 3.94 -0.01 2.06
N TRP C 50 4.88 -0.60 1.30
CA TRP C 50 4.98 -2.06 1.11
C TRP C 50 3.67 -2.67 0.59
N ALA C 51 3.02 -1.96 -0.31
CA ALA C 51 1.84 -2.43 -1.03
C ALA C 51 0.60 -2.53 -0.16
N SER C 52 0.76 -2.89 1.11
CA SER C 52 -0.39 -3.18 1.94
C SER C 52 -0.31 -2.68 3.36
N ILE C 53 0.78 -2.04 3.79
CA ILE C 53 0.90 -1.61 5.18
C ILE C 53 0.40 -0.17 5.28
N ARG C 54 -0.64 0.02 6.09
CA ARG C 54 -1.16 1.36 6.33
C ARG C 54 -0.22 2.14 7.25
N HIS C 55 0.03 3.42 6.92
CA HIS C 55 0.82 4.24 7.82
C HIS C 55 0.06 4.55 9.11
N THR C 56 0.81 4.89 10.15
CA THR C 56 0.21 5.24 11.43
C THR C 56 -0.65 6.49 11.29
N GLY C 57 -1.86 6.44 11.84
CA GLY C 57 -2.79 7.55 11.75
C GLY C 57 -3.65 7.59 10.52
N VAL C 58 -3.40 6.72 9.55
CA VAL C 58 -4.20 6.68 8.33
C VAL C 58 -5.49 5.90 8.62
N PRO C 59 -6.66 6.43 8.27
CA PRO C 59 -7.90 5.72 8.56
C PRO C 59 -7.95 4.38 7.85
N ASP C 60 -8.84 3.51 8.34
CA ASP C 60 -8.99 2.17 7.79
C ASP C 60 -9.65 2.15 6.42
N ARG C 61 -10.13 3.29 5.94
CA ARG C 61 -10.79 3.35 4.65
C ARG C 61 -9.81 3.19 3.50
N PHE C 62 -8.54 3.57 3.71
CA PHE C 62 -7.53 3.48 2.68
C PHE C 62 -6.91 2.08 2.72
N THR C 63 -6.96 1.36 1.60
CA THR C 63 -6.37 0.04 1.52
C THR C 63 -5.56 -0.09 0.24
N GLY C 64 -4.41 -0.73 0.33
CA GLY C 64 -3.58 -0.99 -0.83
C GLY C 64 -3.45 -2.47 -1.07
N SER C 65 -3.28 -2.85 -2.33
CA SER C 65 -3.16 -4.25 -2.68
C SER C 65 -2.45 -4.35 -4.02
N GLY C 66 -2.00 -5.55 -4.35
CA GLY C 66 -1.32 -5.75 -5.62
C GLY C 66 0.10 -6.23 -5.43
N SER C 67 0.64 -6.93 -6.42
CA SER C 67 2.00 -7.42 -6.34
C SER C 67 2.56 -7.52 -7.75
N GLY C 68 3.84 -7.20 -7.89
CA GLY C 68 4.50 -7.26 -9.19
C GLY C 68 4.48 -5.97 -9.99
N THR C 69 3.49 -5.85 -10.87
CA THR C 69 3.36 -4.70 -11.77
C THR C 69 2.03 -3.98 -11.75
N ASP C 70 0.95 -4.57 -11.24
CA ASP C 70 -0.37 -3.95 -11.33
C ASP C 70 -0.97 -3.50 -10.01
N PHE C 71 -0.20 -2.77 -9.21
CA PHE C 71 -0.61 -2.33 -7.89
C PHE C 71 -1.87 -1.47 -7.96
N THR C 72 -2.64 -1.47 -6.87
CA THR C 72 -3.93 -0.80 -6.81
C THR C 72 -4.14 -0.20 -5.43
N LEU C 73 -4.63 1.04 -5.41
CA LEU C 73 -5.06 1.73 -4.19
C LEU C 73 -6.59 1.83 -4.17
N THR C 74 -7.22 1.14 -3.23
CA THR C 74 -8.66 1.10 -3.10
C THR C 74 -9.08 2.00 -1.94
N ILE C 75 -10.07 2.86 -2.18
CA ILE C 75 -10.58 3.75 -1.16
C ILE C 75 -12.04 3.35 -0.93
N SER C 76 -12.29 2.64 0.16
CA SER C 76 -13.63 2.24 0.52
C SER C 76 -14.34 3.36 1.27
N ASN C 77 -15.62 3.56 0.99
CA ASN C 77 -16.42 4.61 1.61
C ASN C 77 -15.74 5.98 1.46
N VAL C 78 -15.81 6.51 0.24
CA VAL C 78 -15.14 7.76 -0.07
C VAL C 78 -15.78 8.88 0.74
N GLN C 79 -14.96 9.59 1.50
CA GLN C 79 -15.40 10.77 2.23
C GLN C 79 -15.10 12.03 1.43
N SER C 80 -15.70 13.15 1.85
CA SER C 80 -15.49 14.42 1.15
C SER C 80 -14.08 14.95 1.29
N GLU C 81 -13.36 14.62 2.36
CA GLU C 81 -11.99 15.11 2.50
C GLU C 81 -10.98 14.31 1.67
N ASP C 82 -11.44 13.46 0.75
CA ASP C 82 -10.53 12.69 -0.10
C ASP C 82 -10.43 13.23 -1.52
N LEU C 83 -11.16 14.28 -1.86
CA LEU C 83 -10.95 14.91 -3.16
C LEU C 83 -9.55 15.48 -3.21
N ALA C 84 -8.62 14.74 -3.82
CA ALA C 84 -7.22 15.13 -3.87
C ALA C 84 -6.55 14.35 -5.00
N ASP C 85 -5.25 14.54 -5.12
CA ASP C 85 -4.44 13.79 -6.09
C ASP C 85 -3.73 12.65 -5.38
N TYR C 86 -3.73 11.48 -6.01
CA TYR C 86 -3.12 10.29 -5.44
C TYR C 86 -2.11 9.75 -6.44
N PHE C 87 -0.92 9.39 -5.96
CA PHE C 87 0.08 8.89 -6.88
C PHE C 87 0.95 7.83 -6.21
N CYS C 88 1.51 6.96 -7.04
CA CYS C 88 2.35 5.87 -6.57
C CYS C 88 3.82 6.25 -6.70
N GLN C 89 4.68 5.39 -6.14
CA GLN C 89 6.12 5.59 -6.17
C GLN C 89 6.81 4.26 -5.92
N GLN C 90 7.88 4.00 -6.65
CA GLN C 90 8.66 2.78 -6.48
C GLN C 90 10.03 3.12 -5.91
N TYR C 91 10.55 2.23 -5.05
CA TYR C 91 11.89 2.36 -4.53
C TYR C 91 12.64 1.03 -4.62
N SER C 92 12.36 0.25 -5.66
CA SER C 92 13.11 -0.98 -5.87
C SER C 92 14.50 -0.71 -6.43
N SER C 93 14.62 0.27 -7.31
CA SER C 93 15.89 0.59 -7.93
C SER C 93 16.01 2.10 -8.09
N TYR C 94 17.21 2.57 -8.14
CA TYR C 94 17.44 3.98 -8.36
C TYR C 94 17.51 4.28 -9.86
N PRO C 95 17.02 5.44 -10.29
CA PRO C 95 16.45 6.54 -9.48
C PRO C 95 15.03 6.27 -9.03
N LEU C 96 14.64 6.85 -7.90
CA LEU C 96 13.26 6.77 -7.44
C LEU C 96 12.34 7.51 -8.39
N THR C 97 11.21 6.89 -8.71
CA THR C 97 10.30 7.45 -9.70
C THR C 97 8.89 7.47 -9.13
N PHE C 98 8.13 8.47 -9.57
CA PHE C 98 6.75 8.67 -9.16
C PHE C 98 5.81 8.48 -10.34
N GLY C 99 4.54 8.26 -10.01
CA GLY C 99 3.49 8.30 -11.01
C GLY C 99 3.03 9.71 -11.31
N ALA C 100 2.30 9.83 -12.42
CA ALA C 100 1.85 11.13 -12.89
C ALA C 100 0.71 11.70 -12.05
N GLY C 101 0.03 10.87 -11.27
CA GLY C 101 -0.99 11.36 -10.38
C GLY C 101 -2.39 11.02 -10.88
N THR C 102 -3.33 10.98 -9.94
CA THR C 102 -4.73 10.71 -10.26
C THR C 102 -5.61 11.63 -9.44
N LYS C 103 -6.39 12.45 -10.12
CA LYS C 103 -7.26 13.43 -9.49
C LYS C 103 -8.67 12.85 -9.33
N LEU C 104 -9.26 13.07 -8.15
CA LEU C 104 -10.59 12.57 -7.85
C LEU C 104 -11.62 13.62 -8.26
N GLU C 105 -12.50 13.25 -9.18
CA GLU C 105 -13.61 14.08 -9.65
C GLU C 105 -14.94 13.60 -9.12
N LEU C 106 -15.78 14.54 -8.69
CA LEU C 106 -17.07 14.23 -8.08
C LEU C 106 -18.13 14.13 -9.17
N GLU C 107 -19.00 13.13 -9.05
CA GLU C 107 -20.08 12.94 -10.01
C GLU C 107 -21.30 13.77 -9.63
N ARG C 108 -22.02 14.21 -10.66
CA ARG C 108 -23.24 14.98 -10.52
C ARG C 108 -23.96 14.93 -11.86
N ALA C 109 -25.17 15.46 -11.88
CA ALA C 109 -25.94 15.43 -13.12
C ALA C 109 -25.35 16.39 -14.14
N ASP C 110 -25.68 16.12 -15.40
CA ASP C 110 -25.16 16.92 -16.51
C ASP C 110 -25.69 18.35 -16.41
N ALA C 111 -24.97 19.26 -17.05
CA ALA C 111 -25.35 20.67 -17.05
C ALA C 111 -24.78 21.34 -18.29
N ALA C 112 -25.62 22.08 -18.99
CA ALA C 112 -25.15 22.78 -20.17
C ALA C 112 -24.43 24.06 -19.73
N PRO C 113 -23.42 24.49 -20.48
CA PRO C 113 -22.66 25.67 -20.06
C PRO C 113 -23.38 26.94 -20.41
N THR C 114 -23.16 27.96 -19.58
CA THR C 114 -23.63 29.31 -19.84
C THR C 114 -22.53 30.04 -20.58
N VAL C 115 -22.80 30.39 -21.84
CA VAL C 115 -21.78 30.95 -22.72
C VAL C 115 -22.03 32.45 -22.83
N SER C 116 -20.96 33.23 -22.72
CA SER C 116 -21.05 34.67 -22.87
C SER C 116 -19.88 35.15 -23.70
N ILE C 117 -20.13 36.06 -24.62
CA ILE C 117 -19.08 36.60 -25.48
C ILE C 117 -18.94 38.09 -25.25
N PHE C 118 -17.71 38.58 -25.33
CA PHE C 118 -17.41 39.96 -25.05
C PHE C 118 -16.48 40.48 -26.14
N PRO C 119 -16.80 41.60 -26.76
CA PRO C 119 -15.92 42.21 -27.76
C PRO C 119 -14.79 42.95 -27.09
N PRO C 120 -13.77 43.38 -27.85
CA PRO C 120 -12.68 44.14 -27.24
C PRO C 120 -13.17 45.48 -26.71
N SER C 121 -12.53 45.92 -25.64
CA SER C 121 -12.87 47.20 -25.02
C SER C 121 -12.22 48.35 -25.79
N SER C 122 -12.75 49.56 -25.57
CA SER C 122 -12.17 50.73 -26.22
C SER C 122 -10.77 51.00 -25.70
N GLU C 123 -10.50 50.67 -24.43
CA GLU C 123 -9.17 50.89 -23.86
C GLU C 123 -8.13 50.03 -24.59
N GLN C 124 -8.48 48.78 -24.87
CA GLN C 124 -7.52 47.90 -25.54
C GLN C 124 -7.38 48.28 -27.00
N LEU C 125 -8.50 48.64 -27.66
CA LEU C 125 -8.38 49.07 -29.05
C LEU C 125 -7.52 50.32 -29.12
N THR C 126 -7.62 51.19 -28.11
CA THR C 126 -6.78 52.37 -28.02
C THR C 126 -5.31 52.00 -27.81
N SER C 127 -5.05 50.89 -27.12
CA SER C 127 -3.68 50.46 -26.89
C SER C 127 -3.06 49.75 -28.09
N GLY C 128 -3.86 49.36 -29.07
CA GLY C 128 -3.39 48.67 -30.26
C GLY C 128 -3.63 47.18 -30.28
N GLY C 129 -4.33 46.63 -29.28
CA GLY C 129 -4.66 45.23 -29.23
C GLY C 129 -6.16 45.05 -29.39
N ALA C 130 -6.57 43.79 -29.51
CA ALA C 130 -7.99 43.50 -29.66
C ALA C 130 -8.22 42.07 -29.21
N SER C 131 -8.81 41.89 -28.05
CA SER C 131 -9.11 40.56 -27.52
C SER C 131 -10.61 40.33 -27.46
N VAL C 132 -11.03 39.16 -27.92
CA VAL C 132 -12.43 38.76 -27.84
C VAL C 132 -12.48 37.61 -26.84
N VAL C 133 -13.42 37.67 -25.90
CA VAL C 133 -13.44 36.71 -24.81
C VAL C 133 -14.72 35.92 -24.82
N CYS C 134 -14.61 34.62 -24.56
CA CYS C 134 -15.77 33.74 -24.45
C CYS C 134 -15.68 32.99 -23.14
N PHE C 135 -16.68 33.18 -22.28
CA PHE C 135 -16.79 32.50 -21.00
C PHE C 135 -17.76 31.33 -21.11
N LEU C 136 -17.38 30.19 -20.54
CA LEU C 136 -18.19 28.98 -20.53
C LEU C 136 -18.28 28.55 -19.07
N ASN C 137 -19.41 28.81 -18.44
CA ASN C 137 -19.53 28.69 -16.99
C ASN C 137 -20.48 27.58 -16.62
N ASN C 138 -20.11 26.81 -15.59
CA ASN C 138 -21.00 25.89 -14.89
C ASN C 138 -21.51 24.81 -15.85
N PHE C 139 -20.57 24.06 -16.40
CA PHE C 139 -20.89 22.91 -17.25
C PHE C 139 -20.36 21.62 -16.63
N TYR C 140 -20.96 20.51 -17.08
CA TYR C 140 -20.51 19.20 -16.64
C TYR C 140 -20.94 18.20 -17.68
N PRO C 141 -20.09 17.26 -18.10
CA PRO C 141 -18.71 17.02 -17.66
C PRO C 141 -17.76 18.07 -18.24
N LYS C 142 -16.46 17.98 -17.93
CA LYS C 142 -15.49 19.00 -18.33
C LYS C 142 -15.17 18.99 -19.82
N ASP C 143 -15.46 17.90 -20.53
CA ASP C 143 -15.10 17.78 -21.94
C ASP C 143 -15.92 18.71 -22.83
N ILE C 144 -15.22 19.59 -23.56
CA ILE C 144 -15.84 20.57 -24.44
C ILE C 144 -14.79 20.94 -25.48
N ASN C 145 -15.25 21.53 -26.59
CA ASN C 145 -14.38 22.00 -27.66
C ASN C 145 -15.02 23.24 -28.24
N VAL C 146 -14.20 24.24 -28.49
CA VAL C 146 -14.62 25.56 -28.94
C VAL C 146 -13.90 25.93 -30.22
N LYS C 147 -14.66 26.45 -31.18
CA LYS C 147 -14.11 26.96 -32.42
C LYS C 147 -14.47 28.43 -32.51
N TRP C 148 -13.53 29.23 -33.01
CA TRP C 148 -13.72 30.67 -33.23
C TRP C 148 -13.96 31.05 -34.69
N LYS C 149 -14.78 30.30 -35.44
CA LYS C 149 -15.02 30.66 -36.82
C LYS C 149 -15.41 32.13 -36.90
N ILE C 150 -14.71 32.88 -37.75
CA ILE C 150 -14.98 34.31 -37.95
C ILE C 150 -15.41 34.50 -39.40
N ASP C 151 -16.67 34.90 -39.59
CA ASP C 151 -17.24 35.07 -40.93
C ASP C 151 -17.12 33.80 -41.75
N GLY C 152 -17.19 32.64 -41.11
CA GLY C 152 -17.11 31.37 -41.81
C GLY C 152 -15.72 30.80 -41.91
N SER C 153 -14.68 31.57 -41.55
CA SER C 153 -13.30 31.12 -41.66
C SER C 153 -12.76 30.74 -40.29
N GLU C 154 -12.02 29.62 -40.26
CA GLU C 154 -11.44 29.12 -39.02
C GLU C 154 -10.36 30.08 -38.52
N ARG C 155 -10.27 30.21 -37.20
CA ARG C 155 -9.27 31.07 -36.56
C ARG C 155 -8.57 30.32 -35.43
N GLN C 156 -8.08 29.12 -35.73
CA GLN C 156 -7.39 28.32 -34.72
C GLN C 156 -6.22 29.08 -34.10
N ASN C 157 -5.60 29.95 -34.87
CA ASN C 157 -4.46 30.74 -34.40
C ASN C 157 -4.90 31.82 -33.43
N GLY C 158 -4.09 32.06 -32.40
CA GLY C 158 -4.42 33.08 -31.44
C GLY C 158 -5.38 32.70 -30.33
N VAL C 159 -5.56 31.39 -30.07
CA VAL C 159 -6.48 30.92 -29.04
C VAL C 159 -5.64 30.55 -27.83
N LEU C 160 -6.10 30.93 -26.65
CA LEU C 160 -5.44 30.61 -25.38
C LEU C 160 -6.39 29.96 -24.39
N ASN C 161 -7.06 28.89 -24.79
CA ASN C 161 -8.04 28.24 -23.92
C ASN C 161 -7.44 27.95 -22.54
N SER C 162 -8.28 28.03 -21.52
CA SER C 162 -7.85 27.79 -20.15
C SER C 162 -9.02 27.22 -19.35
N TRP C 163 -8.74 26.22 -18.52
CA TRP C 163 -9.77 25.57 -17.73
C TRP C 163 -9.45 25.68 -16.24
N THR C 164 -10.50 25.82 -15.44
CA THR C 164 -10.39 25.81 -13.99
C THR C 164 -10.52 24.37 -13.48
N ASP C 165 -10.17 24.17 -12.22
CA ASP C 165 -10.45 22.89 -11.58
C ASP C 165 -11.91 22.83 -11.15
N GLN C 166 -12.31 21.67 -10.62
CA GLN C 166 -13.69 21.45 -10.21
C GLN C 166 -14.10 22.41 -9.10
N ASP C 167 -15.26 23.04 -9.27
CA ASP C 167 -15.76 23.97 -8.28
C ASP C 167 -16.06 23.23 -6.98
N SER C 168 -15.63 23.81 -5.86
CA SER C 168 -15.81 23.20 -4.55
C SER C 168 -17.23 23.34 -4.01
N LYS C 169 -18.11 24.07 -4.69
CA LYS C 169 -19.46 24.30 -4.21
C LYS C 169 -20.52 23.54 -5.00
N ASP C 170 -20.45 23.57 -6.33
CA ASP C 170 -21.42 22.85 -7.15
C ASP C 170 -20.80 21.77 -8.03
N SER C 171 -19.51 21.51 -7.89
CA SER C 171 -18.82 20.42 -8.57
C SER C 171 -18.88 20.56 -10.10
N THR C 172 -18.89 21.77 -10.60
CA THR C 172 -18.90 22.02 -12.03
C THR C 172 -17.55 22.60 -12.46
N TYR C 173 -17.42 22.84 -13.76
CA TYR C 173 -16.19 23.37 -14.32
C TYR C 173 -16.50 24.63 -15.13
N SER C 174 -15.47 25.45 -15.32
CA SER C 174 -15.60 26.67 -16.08
C SER C 174 -14.37 26.83 -16.95
N MET C 175 -14.50 27.60 -18.02
CA MET C 175 -13.41 27.74 -18.96
C MET C 175 -13.51 29.11 -19.63
N SER C 176 -12.36 29.72 -19.90
CA SER C 176 -12.30 31.01 -20.57
C SER C 176 -11.42 30.89 -21.81
N SER C 177 -11.86 31.53 -22.90
CA SER C 177 -11.12 31.50 -24.15
C SER C 177 -10.95 32.92 -24.64
N THR C 178 -9.71 33.30 -24.92
CA THR C 178 -9.36 34.66 -25.34
C THR C 178 -8.67 34.59 -26.69
N LEU C 179 -9.30 35.20 -27.70
CA LEU C 179 -8.72 35.29 -29.03
C LEU C 179 -8.11 36.69 -29.16
N THR C 180 -6.78 36.74 -29.30
CA THR C 180 -6.04 37.99 -29.34
C THR C 180 -5.62 38.30 -30.78
N LEU C 181 -5.99 39.49 -31.25
CA LEU C 181 -5.63 39.97 -32.57
C LEU C 181 -5.04 41.38 -32.50
N THR C 182 -4.47 41.78 -33.63
CA THR C 182 -4.04 43.14 -33.89
C THR C 182 -5.22 44.00 -34.32
N LYS C 183 -5.04 45.32 -34.21
CA LYS C 183 -6.11 46.24 -34.59
C LYS C 183 -6.43 46.15 -36.07
N ASP C 184 -5.41 45.99 -36.93
CA ASP C 184 -5.67 45.86 -38.35
C ASP C 184 -6.54 44.64 -38.67
N GLU C 185 -6.25 43.51 -38.05
CA GLU C 185 -7.03 42.30 -38.29
C GLU C 185 -8.45 42.39 -37.73
N TYR C 186 -8.62 43.02 -36.57
CA TYR C 186 -9.97 43.08 -36.00
C TYR C 186 -10.93 43.88 -36.88
N GLU C 187 -10.46 44.96 -37.50
CA GLU C 187 -11.34 45.80 -38.34
C GLU C 187 -11.60 45.25 -39.73
N ARG C 188 -11.02 44.10 -40.11
CA ARG C 188 -11.20 43.59 -41.45
C ARG C 188 -12.25 42.48 -41.53
N HIS C 189 -13.00 42.24 -40.45
CA HIS C 189 -14.04 41.23 -40.44
C HIS C 189 -15.23 41.78 -39.66
N ASN C 190 -16.37 41.10 -39.79
CA ASN C 190 -17.62 41.58 -39.21
C ASN C 190 -18.08 40.71 -38.05
N SER C 191 -18.53 39.48 -38.33
CA SER C 191 -19.17 38.63 -37.33
C SER C 191 -18.14 37.84 -36.53
N TYR C 192 -18.37 37.74 -35.22
CA TYR C 192 -17.53 36.96 -34.33
C TYR C 192 -18.39 36.00 -33.53
N THR C 193 -18.07 34.71 -33.62
CA THR C 193 -18.91 33.62 -33.13
C THR C 193 -18.06 32.71 -32.24
N CYS C 194 -18.61 32.29 -31.11
CA CYS C 194 -17.92 31.34 -30.25
C CYS C 194 -18.69 30.02 -30.13
N GLU C 195 -19.02 29.39 -31.26
CA GLU C 195 -19.85 28.19 -31.24
C GLU C 195 -19.28 27.16 -30.27
N ALA C 196 -20.12 26.67 -29.36
CA ALA C 196 -19.71 25.75 -28.31
C ALA C 196 -20.39 24.41 -28.51
N THR C 197 -19.59 23.37 -28.73
CA THR C 197 -20.04 22.00 -28.90
C THR C 197 -19.86 21.20 -27.61
N HIS C 198 -20.95 20.68 -27.08
CA HIS C 198 -20.94 19.93 -25.83
C HIS C 198 -21.86 18.73 -25.95
N LYS C 199 -21.57 17.70 -25.15
CA LYS C 199 -22.34 16.45 -25.20
C LYS C 199 -23.78 16.61 -24.72
N THR C 200 -24.09 17.68 -23.98
CA THR C 200 -25.45 17.87 -23.50
C THR C 200 -26.40 18.32 -24.60
N SER C 201 -25.88 18.63 -25.78
CA SER C 201 -26.68 19.12 -26.90
C SER C 201 -26.18 18.49 -28.18
N THR C 202 -27.09 17.92 -28.96
CA THR C 202 -26.69 17.33 -30.23
C THR C 202 -26.17 18.38 -31.20
N SER C 203 -26.75 19.59 -31.17
CA SER C 203 -26.22 20.67 -31.96
C SER C 203 -25.54 21.68 -31.06
N PRO C 204 -24.45 22.31 -31.50
CA PRO C 204 -23.73 23.21 -30.60
C PRO C 204 -24.51 24.46 -30.28
N ILE C 205 -24.31 24.97 -29.07
CA ILE C 205 -24.88 26.25 -28.66
C ILE C 205 -24.03 27.37 -29.26
N VAL C 206 -24.67 28.30 -29.95
CA VAL C 206 -23.96 29.32 -30.71
C VAL C 206 -24.33 30.69 -30.15
N LYS C 207 -23.31 31.51 -29.89
CA LYS C 207 -23.46 32.90 -29.49
C LYS C 207 -22.51 33.74 -30.31
N SER C 208 -23.01 34.83 -30.89
CA SER C 208 -22.18 35.63 -31.79
C SER C 208 -22.66 37.06 -31.78
N PHE C 209 -21.79 37.96 -32.25
CA PHE C 209 -22.18 39.35 -32.46
C PHE C 209 -21.50 39.92 -33.70
N ASN C 210 -22.10 40.97 -34.24
CA ASN C 210 -21.56 41.64 -35.43
C ASN C 210 -21.19 43.06 -35.03
N ARG C 211 -19.97 43.49 -35.37
CA ARG C 211 -19.54 44.83 -35.01
C ARG C 211 -20.28 45.90 -35.81
N ASN C 212 -20.78 45.56 -37.00
CA ASN C 212 -21.49 46.52 -37.84
C ASN C 212 -22.82 46.97 -37.25
N GLU C 213 -23.45 46.13 -36.43
CA GLU C 213 -24.70 46.53 -35.78
C GLU C 213 -24.49 47.46 -34.58
N CYS C 214 -23.25 47.72 -34.19
CA CYS C 214 -23.02 48.63 -33.09
C CYS C 214 -21.97 49.69 -33.44
N UNK D 1 -25.49 -33.32 19.86
CA UNK D 1 -24.90 -33.04 21.16
C UNK D 1 -23.61 -32.25 21.01
N UNK D 2 -22.73 -32.73 20.14
CA UNK D 2 -21.45 -32.06 19.91
C UNK D 2 -21.17 -31.94 18.42
N UNK D 3 -19.99 -31.41 18.09
CA UNK D 3 -19.58 -31.24 16.70
C UNK D 3 -18.07 -30.99 16.62
N UNK D 4 -17.60 -30.67 15.42
CA UNK D 4 -16.19 -30.38 15.20
C UNK D 4 -15.99 -29.69 13.86
N UNK D 5 -16.68 -28.57 13.67
CA UNK D 5 -16.58 -27.81 12.42
C UNK D 5 -15.18 -27.24 12.27
N UNK D 6 -14.55 -27.53 11.14
CA UNK D 6 -13.16 -27.15 10.90
C UNK D 6 -12.98 -25.64 10.79
N UNK D 7 -11.81 -25.18 11.22
CA UNK D 7 -11.44 -23.77 11.15
C UNK D 7 -9.95 -23.65 11.43
N UNK D 8 -9.26 -22.79 10.69
CA UNK D 8 -7.81 -22.67 10.85
C UNK D 8 -7.32 -21.25 10.65
N UNK D 9 -6.12 -20.96 11.14
CA UNK D 9 -5.48 -19.67 10.94
C UNK D 9 -4.14 -19.88 10.26
N UNK D 10 -4.01 -19.35 9.04
CA UNK D 10 -2.81 -19.54 8.24
C UNK D 10 -1.70 -18.56 8.62
N UNK D 11 -1.87 -17.85 9.73
CA UNK D 11 -0.88 -16.89 10.18
C UNK D 11 0.28 -17.56 10.89
N UNK D 12 -0.03 -18.45 11.82
CA UNK D 12 1.00 -19.13 12.60
C UNK D 12 1.62 -20.29 11.83
N UNK D 13 1.21 -20.46 10.58
CA UNK D 13 1.73 -21.54 9.75
C UNK D 13 3.19 -21.28 9.37
N UNK D 14 3.62 -20.03 9.51
CA UNK D 14 4.99 -19.66 9.21
C UNK D 14 5.96 -20.34 10.17
N UNK D 15 5.54 -20.47 11.43
CA UNK D 15 6.36 -21.13 12.44
C UNK D 15 6.41 -22.63 12.23
#